data_8Y72
#
_entry.id   8Y72
#
_cell.length_a   1.00
_cell.length_b   1.00
_cell.length_c   1.00
_cell.angle_alpha   90.00
_cell.angle_beta   90.00
_cell.angle_gamma   90.00
#
_symmetry.space_group_name_H-M   'P 1'
#
loop_
_entity.id
_entity.type
_entity.pdbx_description
1 polymer 'Guanine nucleotide-binding protein G(i) subunit alpha-1'
2 polymer 'Guanine nucleotide-binding protein G(I)/G(S)/G(T) subunit beta-1'
3 polymer 'Guanine nucleotide-binding protein G(I)/G(S)/G(O) subunit gamma-2'
4 polymer scFv16
5 polymer 'Mu-type opioid receptor'
6 polymer TYR-DAL-GLY-MEA-ETA
7 non-polymer CHOLESTEROL
8 non-polymer (2~{S})-2-(3-bromanyl-4-methoxy-phenyl)-3-(4-chlorophenyl)sulfonyl-1,3-thiazolidine
#
loop_
_entity_poly.entity_id
_entity_poly.type
_entity_poly.pdbx_seq_one_letter_code
_entity_poly.pdbx_strand_id
1 'polypeptide(L)'
;MGCTLSAEDKAAVERSKMIDRNLREDGEKAAREVKLLLLGAGESGKSTIVKQMKIIHEAGYSEEECKQYKAVVYSNTIQS
IIAIIRAMGRLKIDFGDSARADDARQLFVLAGAAEEGFMTAELAGVIKRLWKDSGVQACFNRSREYQLNDSAAYYLNDLD
RIAQPNYIPTQQDVLRTRVKTTGIVETHFTFKDLHFKMFDVGAQRSERKKWIHCFEGVTAIIFCVALSDYDLVLAEDEEM
NRMHESMKLFDSICNNKWFTDTSIILFLNKKDLFEEKIKKSPLTICYPEYAGSNTYEEAAAYIQCQFEDLNKRKDTKEIY
THFTCSTDTKNVQFVFDAVTDVIIKNNLKDCGLF
;
A
2 'polypeptide(L)'
;MHHHHHHHHGSLLQSELDQLRQEAEQLKNQIRDARKACADATLSQITNNIDPVGRIQMRTRRTLRGHLAKIYAMHWGTDS
RLLVSASQDGKLIIWDSYTTNKVHAIPLRSSWVMTCAYAPSGNYVACGGLDNICSIYNLKTREGNVRVSRELAGHTGYLS
CCRFLDDNQIVTSSGDTTCALWDIETGQQTTTFTGHTGDVMSLSLAPDTRLFVSGACDASAKLWDVREGMCRQTFTGHES
DINAICFFPNGNAFATGSDDATCRLFDLRADQELMTYSHDNIICGITSVSFSKSGRLLLAGYDDFNCNVWDALKADRAGV
LAGHDNRVSCLGVTDDGMAVATGSWDSFLKIWN
;
B
3 'polypeptide(L)' MASNNTASIAQARKLVEQLKMEANIDRIKVSKAAADLMAYCEAHAKEDPLLTPVPASENPFREKKFFC C
4 'polypeptide(L)'
;MVQLVESGGGLVQPGGSRKLSCSASGFAFSSFGMHWVRQAPEKGLEWVAYISSGSGTIYYADTVKGRFTISRDDPKNTLF
LQMTSLRSEDTAMYYCVRSIYYYGSSPFDFWGQGTTLTVSAGGGGSGGGGSGGGGSADIVMTQATSSVPVTPGESVSISC
RSSKSLLHSNGNTYLYWFLQRPGQSPQLLIYRMSNLASGVPDRFSGSGSGTAFTLTISRLEAEDVGVYYCMQHLEYPLTF
GAGTKLEL
;
E
5 'polypeptide(L)'
;DYKDDDDVDSSAAPTNASNCTDALAYSSCSPAPSPGSWVNLSHLDGNLSDPCGPNRTDLGGRDSLCPPTGSPSMITAITI
MALYSIVCVVGLFGNFLVMYVIVRYTKMKTATNIYIFNLALADALATSTLPFQSVNYLMGTWPFGTILCKIVISIDYYNM
FTSIFTLCTMSVDRYIAVCHPVKALDFRTPRNAKIINVCNWILSSAIGLPVMFMATTKYRQGSIDCTLTFSHPTWYWENL
LKICVFIFAFIMPVLIITVCYGLMILRLKSVRMLSGSKEKDRNLRRITRMVLVVVAVFIVCWTPIHIYVIIKALVTIPET
TFQTVSWHFCIALGYTNSCLNPVLYAFLDENFKRCFREFCIPTSSNIEQQNSTRIRQNTRDHPSTANTVDRTNHQHHHHH
HHH
;
R
6 'polypeptide(L)' Y(DAL)G(MEA)(ETA) D
#
# COMPACT_ATOMS: atom_id res chain seq x y z
N THR A 4 -20.02 -13.37 15.70
CA THR A 4 -19.25 -12.66 16.71
C THR A 4 -19.39 -11.15 16.56
N LEU A 5 -19.50 -10.69 15.32
CA LEU A 5 -19.67 -9.27 15.05
C LEU A 5 -21.14 -8.88 15.10
N SER A 6 -21.39 -7.62 15.49
CA SER A 6 -22.73 -7.07 15.41
C SER A 6 -23.06 -6.76 13.94
N ALA A 7 -24.33 -6.44 13.69
CA ALA A 7 -24.74 -6.18 12.31
C ALA A 7 -23.99 -5.00 11.72
N GLU A 8 -23.85 -3.92 12.49
CA GLU A 8 -23.13 -2.76 12.00
C GLU A 8 -21.65 -3.06 11.80
N ASP A 9 -21.07 -3.90 12.67
CA ASP A 9 -19.69 -4.31 12.46
C ASP A 9 -19.54 -5.11 11.17
N LYS A 10 -20.48 -6.01 10.89
CA LYS A 10 -20.44 -6.74 9.63
C LYS A 10 -20.54 -5.82 8.44
N ALA A 11 -21.44 -4.83 8.49
CA ALA A 11 -21.55 -3.87 7.39
C ALA A 11 -20.27 -3.07 7.22
N ALA A 12 -19.64 -2.66 8.32
CA ALA A 12 -18.37 -1.94 8.23
C ALA A 12 -17.29 -2.81 7.60
N VAL A 13 -17.25 -4.08 7.97
CA VAL A 13 -16.27 -4.99 7.38
C VAL A 13 -16.52 -5.15 5.88
N GLU A 14 -17.78 -5.22 5.48
CA GLU A 14 -18.09 -5.29 4.05
C GLU A 14 -17.64 -4.02 3.32
N ARG A 15 -17.85 -2.86 3.95
CA ARG A 15 -17.37 -1.62 3.36
C ARG A 15 -15.86 -1.63 3.21
N SER A 16 -15.15 -2.11 4.23
CA SER A 16 -13.70 -2.22 4.15
C SER A 16 -13.28 -3.16 3.03
N LYS A 17 -14.01 -4.26 2.83
CA LYS A 17 -13.68 -5.18 1.73
C LYS A 17 -13.86 -4.50 0.38
N MET A 18 -14.94 -3.73 0.22
CA MET A 18 -15.13 -3.01 -1.05
C MET A 18 -14.01 -1.99 -1.27
N ILE A 19 -13.60 -1.30 -0.21
CA ILE A 19 -12.48 -0.37 -0.32
C ILE A 19 -11.22 -1.11 -0.74
N ASP A 20 -11.01 -2.30 -0.18
CA ASP A 20 -9.85 -3.11 -0.55
C ASP A 20 -9.90 -3.49 -2.03
N ARG A 21 -11.07 -3.87 -2.52
CA ARG A 21 -11.18 -4.20 -3.95
C ARG A 21 -10.85 -3.00 -4.82
N ASN A 22 -11.36 -1.82 -4.45
CA ASN A 22 -11.06 -0.62 -5.22
C ASN A 22 -9.56 -0.31 -5.19
N LEU A 23 -8.94 -0.48 -4.02
CA LEU A 23 -7.50 -0.24 -3.93
C LEU A 23 -6.72 -1.20 -4.81
N ARG A 24 -7.10 -2.48 -4.83
CA ARG A 24 -6.41 -3.43 -5.68
C ARG A 24 -6.59 -3.09 -7.15
N GLU A 25 -7.81 -2.69 -7.55
CA GLU A 25 -8.02 -2.30 -8.94
C GLU A 25 -7.15 -1.10 -9.32
N ASP A 26 -7.08 -0.09 -8.44
CA ASP A 26 -6.24 1.06 -8.72
C ASP A 26 -4.77 0.68 -8.82
N GLY A 27 -4.30 -0.18 -7.92
CA GLY A 27 -2.90 -0.60 -7.97
C GLY A 27 -2.58 -1.38 -9.24
N GLU A 28 -3.50 -2.26 -9.65
CA GLU A 28 -3.30 -3.01 -10.89
C GLU A 28 -3.25 -2.06 -12.09
N LYS A 29 -4.15 -1.07 -12.14
CA LYS A 29 -4.11 -0.13 -13.24
C LYS A 29 -2.80 0.67 -13.24
N ALA A 30 -2.35 1.08 -12.06
CA ALA A 30 -1.12 1.87 -11.98
C ALA A 30 0.11 1.07 -12.37
N ALA A 31 0.20 -0.20 -11.94
CA ALA A 31 1.41 -0.97 -12.17
C ALA A 31 1.71 -1.16 -13.65
N ARG A 32 0.68 -1.09 -14.51
CA ARG A 32 0.89 -1.30 -15.93
C ARG A 32 1.47 -0.06 -16.61
N GLU A 33 1.56 1.05 -15.88
CA GLU A 33 1.79 2.33 -16.50
C GLU A 33 3.21 2.82 -16.27
N VAL A 34 3.83 3.32 -17.33
CA VAL A 34 5.24 3.72 -17.33
C VAL A 34 5.36 5.10 -16.72
N LYS A 35 6.37 5.30 -15.88
CA LYS A 35 6.64 6.59 -15.26
C LYS A 35 8.00 7.10 -15.70
N LEU A 36 8.04 8.34 -16.22
CA LEU A 36 9.25 8.96 -16.71
C LEU A 36 9.48 10.26 -15.96
N LEU A 37 10.73 10.51 -15.56
CA LEU A 37 11.09 11.74 -14.88
C LEU A 37 11.87 12.63 -15.84
N LEU A 38 11.37 13.84 -16.08
CA LEU A 38 11.96 14.77 -17.04
C LEU A 38 12.85 15.76 -16.31
N LEU A 39 14.12 15.84 -16.73
CA LEU A 39 15.09 16.71 -16.08
C LEU A 39 15.87 17.48 -17.14
N GLY A 40 16.48 18.58 -16.70
CA GLY A 40 17.26 19.43 -17.58
C GLY A 40 17.11 20.90 -17.23
N ALA A 41 17.80 21.77 -17.95
CA ALA A 41 17.67 23.20 -17.71
C ALA A 41 16.44 23.76 -18.42
N GLY A 42 16.12 25.01 -18.10
CA GLY A 42 14.89 25.60 -18.62
C GLY A 42 14.88 25.70 -20.14
N GLU A 43 16.00 26.12 -20.72
CA GLU A 43 16.09 26.30 -22.17
C GLU A 43 16.60 25.07 -22.90
N SER A 44 16.79 23.96 -22.20
CA SER A 44 17.30 22.75 -22.84
C SER A 44 16.34 22.23 -23.91
N GLY A 45 15.07 22.58 -23.81
CA GLY A 45 14.08 22.09 -24.76
C GLY A 45 13.14 21.08 -24.16
N LYS A 46 12.83 21.23 -22.87
CA LYS A 46 11.81 20.38 -22.26
C LYS A 46 10.47 20.56 -22.96
N SER A 47 10.02 21.80 -23.11
CA SER A 47 8.68 22.06 -23.61
C SER A 47 8.51 21.60 -25.05
N THR A 48 9.52 21.76 -25.90
CA THR A 48 9.38 21.36 -27.29
C THR A 48 9.19 19.85 -27.42
N ILE A 49 9.99 19.05 -26.71
CA ILE A 49 9.79 17.61 -26.78
C ILE A 49 8.49 17.23 -26.08
N VAL A 50 8.09 17.99 -25.06
CA VAL A 50 6.83 17.70 -24.39
C VAL A 50 5.68 17.83 -25.37
N LYS A 51 5.66 18.91 -26.16
CA LYS A 51 4.60 19.07 -27.15
C LYS A 51 4.75 18.08 -28.29
N GLN A 52 5.99 17.72 -28.64
CA GLN A 52 6.20 16.68 -29.65
C GLN A 52 5.55 15.37 -29.24
N MET A 53 5.80 14.93 -28.01
CA MET A 53 5.26 13.66 -27.53
C MET A 53 3.76 13.75 -27.23
N LYS A 54 3.27 14.93 -26.83
CA LYS A 54 1.84 15.11 -26.69
C LYS A 54 1.11 14.82 -27.99
N ILE A 55 1.64 15.33 -29.10
CA ILE A 55 1.02 15.19 -30.41
C ILE A 55 1.43 13.86 -31.05
N THR A 182 3.42 25.42 -11.48
CA THR A 182 2.78 25.28 -10.19
C THR A 182 3.13 23.94 -9.55
N GLY A 183 4.40 23.79 -9.16
CA GLY A 183 4.85 22.55 -8.55
C GLY A 183 5.36 21.55 -9.56
N ILE A 184 4.71 20.39 -9.62
CA ILE A 184 5.10 19.31 -10.53
C ILE A 184 4.08 19.27 -11.66
N VAL A 185 4.56 19.14 -12.89
CA VAL A 185 3.69 19.08 -14.05
C VAL A 185 3.64 17.63 -14.54
N GLU A 186 2.44 17.11 -14.73
CA GLU A 186 2.22 15.73 -15.13
C GLU A 186 1.63 15.70 -16.53
N THR A 187 2.21 14.90 -17.40
CA THR A 187 1.77 14.76 -18.78
C THR A 187 1.45 13.30 -19.07
N HIS A 188 0.35 13.06 -19.77
CA HIS A 188 -0.10 11.72 -20.12
C HIS A 188 -0.03 11.56 -21.63
N PHE A 189 0.40 10.38 -22.08
CA PHE A 189 0.35 10.06 -23.49
C PHE A 189 0.44 8.54 -23.67
N THR A 190 -0.29 8.03 -24.65
CA THR A 190 -0.36 6.60 -24.94
C THR A 190 0.27 6.37 -26.31
N PHE A 191 1.23 5.43 -26.37
CA PHE A 191 1.91 5.09 -27.61
C PHE A 191 2.03 3.57 -27.68
N LYS A 192 1.48 3.00 -28.74
CA LYS A 192 1.53 1.55 -28.97
C LYS A 192 1.05 0.79 -27.74
N ASP A 193 -0.16 1.14 -27.28
CA ASP A 193 -0.82 0.41 -26.20
C ASP A 193 -0.03 0.50 -24.90
N LEU A 194 0.73 1.57 -24.74
CA LEU A 194 1.56 1.79 -23.55
C LEU A 194 1.29 3.18 -23.02
N HIS A 195 1.00 3.28 -21.72
CA HIS A 195 0.66 4.55 -21.10
C HIS A 195 1.88 5.14 -20.40
N PHE A 196 2.06 6.45 -20.55
CA PHE A 196 3.24 7.14 -20.02
C PHE A 196 2.79 8.28 -19.12
N LYS A 197 3.50 8.46 -18.00
CA LYS A 197 3.33 9.61 -17.10
C LYS A 197 4.65 10.34 -17.01
N MET A 198 4.74 11.50 -17.65
CA MET A 198 5.94 12.33 -17.64
C MET A 198 5.82 13.34 -16.51
N PHE A 199 6.79 13.34 -15.60
CA PHE A 199 6.80 14.23 -14.45
C PHE A 199 7.90 15.25 -14.63
N ASP A 200 7.51 16.51 -14.81
CA ASP A 200 8.44 17.63 -14.95
C ASP A 200 8.51 18.36 -13.63
N VAL A 201 9.73 18.61 -13.15
CA VAL A 201 9.98 19.17 -11.83
C VAL A 201 10.80 20.44 -11.91
N GLY A 202 10.78 21.15 -13.04
CA GLY A 202 11.55 22.36 -13.18
C GLY A 202 11.14 23.47 -12.22
N ALA A 203 9.85 23.57 -11.91
CA ALA A 203 9.39 24.62 -11.02
C ALA A 203 9.93 24.45 -9.61
N GLN A 204 10.21 23.21 -9.20
CA GLN A 204 10.73 22.99 -7.86
C GLN A 204 12.15 23.52 -7.72
N ARG A 205 12.28 24.67 -7.07
CA ARG A 205 13.58 25.30 -6.84
C ARG A 205 14.17 24.94 -5.49
N SER A 206 13.49 24.10 -4.71
CA SER A 206 13.98 23.71 -3.40
C SER A 206 15.12 22.70 -3.53
N GLU A 207 15.67 22.31 -2.38
CA GLU A 207 16.75 21.33 -2.35
C GLU A 207 16.28 20.02 -2.96
N ARG A 208 17.00 19.56 -3.99
CA ARG A 208 16.58 18.35 -4.69
C ARG A 208 16.78 17.11 -3.84
N LYS A 209 17.71 17.16 -2.87
CA LYS A 209 17.99 16.00 -2.04
C LYS A 209 16.78 15.57 -1.22
N LYS A 210 15.85 16.50 -0.96
CA LYS A 210 14.78 16.22 -0.01
C LYS A 210 13.53 15.65 -0.70
N TRP A 211 13.47 15.68 -2.03
CA TRP A 211 12.30 15.18 -2.74
C TRP A 211 12.65 14.29 -3.93
N ILE A 212 13.94 14.13 -4.25
CA ILE A 212 14.31 13.28 -5.38
C ILE A 212 13.96 11.83 -5.14
N HIS A 213 14.10 11.34 -3.90
CA HIS A 213 13.79 9.95 -3.60
C HIS A 213 12.34 9.59 -3.88
N CYS A 214 11.45 10.57 -3.99
CA CYS A 214 10.06 10.27 -4.34
C CYS A 214 9.99 9.58 -5.70
N PHE A 215 11.00 9.78 -6.54
CA PHE A 215 11.05 9.18 -7.87
C PHE A 215 11.97 7.97 -7.95
N GLU A 216 12.22 7.31 -6.81
CA GLU A 216 13.16 6.20 -6.79
C GLU A 216 12.79 5.12 -7.80
N GLY A 217 11.54 4.68 -7.80
CA GLY A 217 11.11 3.63 -8.69
C GLY A 217 10.54 4.12 -10.01
N VAL A 218 11.20 5.09 -10.63
CA VAL A 218 10.78 5.62 -11.91
C VAL A 218 11.34 4.73 -13.01
N THR A 219 10.56 4.55 -14.07
CA THR A 219 10.98 3.66 -15.15
C THR A 219 12.24 4.18 -15.83
N ALA A 220 12.28 5.48 -16.13
CA ALA A 220 13.44 6.06 -16.80
C ALA A 220 13.47 7.57 -16.55
N ILE A 221 14.65 8.14 -16.78
CA ILE A 221 14.88 9.57 -16.63
C ILE A 221 15.21 10.15 -18.00
N ILE A 222 14.36 11.04 -18.50
CA ILE A 222 14.62 11.74 -19.74
C ILE A 222 15.36 13.03 -19.39
N PHE A 223 16.63 13.10 -19.77
CA PHE A 223 17.48 14.24 -19.48
C PHE A 223 17.67 15.04 -20.77
N CYS A 224 17.35 16.33 -20.71
CA CYS A 224 17.37 17.20 -21.88
C CYS A 224 18.55 18.16 -21.78
N VAL A 225 19.28 18.33 -22.88
CA VAL A 225 20.31 19.35 -22.97
C VAL A 225 20.29 19.93 -24.38
N ALA A 226 20.45 21.25 -24.45
CA ALA A 226 20.50 21.95 -25.73
C ALA A 226 21.94 22.02 -26.21
N LEU A 227 22.18 21.57 -27.45
CA LEU A 227 23.53 21.54 -27.98
C LEU A 227 24.10 22.93 -28.18
N SER A 228 23.25 23.92 -28.46
CA SER A 228 23.69 25.28 -28.72
C SER A 228 24.05 26.04 -27.44
N ASP A 229 24.18 25.35 -26.31
CA ASP A 229 24.51 26.03 -25.06
C ASP A 229 26.01 26.21 -24.85
N TYR A 230 26.84 25.61 -25.69
CA TYR A 230 28.29 25.69 -25.46
C TYR A 230 28.80 27.11 -25.69
N ASP A 231 28.26 27.83 -26.68
CA ASP A 231 28.67 29.21 -26.90
C ASP A 231 28.03 30.16 -25.89
N LEU A 232 26.88 29.79 -25.35
CA LEU A 232 26.12 30.67 -24.47
C LEU A 232 26.61 30.52 -23.03
N VAL A 233 26.77 31.66 -22.35
CA VAL A 233 27.11 31.63 -20.93
C VAL A 233 25.85 31.89 -20.10
N LEU A 234 25.87 31.41 -18.85
CA LEU A 234 24.70 31.50 -18.00
C LEU A 234 24.41 32.94 -17.63
N ALA A 235 23.11 33.24 -17.44
CA ALA A 235 22.69 34.61 -17.22
C ALA A 235 23.28 35.19 -15.94
N GLU A 236 23.61 34.34 -14.97
CA GLU A 236 24.10 34.83 -13.69
C GLU A 236 25.43 35.56 -13.88
N ASP A 237 25.77 36.40 -12.89
CA ASP A 237 26.99 37.18 -12.97
C ASP A 237 28.21 36.28 -13.15
N GLU A 238 28.24 35.15 -12.45
CA GLU A 238 29.35 34.22 -12.59
C GLU A 238 29.45 33.75 -14.03
N GLU A 239 30.67 33.79 -14.59
CA GLU A 239 30.90 33.41 -15.97
C GLU A 239 31.26 31.93 -16.03
N MET A 240 30.26 31.10 -16.36
CA MET A 240 30.48 29.67 -16.50
C MET A 240 29.60 29.17 -17.63
N ASN A 241 30.14 28.30 -18.48
CA ASN A 241 29.44 27.84 -19.67
C ASN A 241 28.23 27.01 -19.25
N ARG A 242 27.14 27.15 -19.99
CA ARG A 242 25.91 26.40 -19.73
C ARG A 242 26.14 24.91 -19.86
N MET A 243 26.91 24.50 -20.86
CA MET A 243 27.15 23.08 -21.09
C MET A 243 27.75 22.42 -19.86
N HIS A 244 28.60 23.14 -19.14
CA HIS A 244 29.21 22.58 -17.94
C HIS A 244 28.21 22.45 -16.80
N GLU A 245 27.28 23.40 -16.66
CA GLU A 245 26.22 23.23 -15.67
C GLU A 245 25.35 22.02 -16.01
N SER A 246 25.03 21.85 -17.30
CA SER A 246 24.28 20.67 -17.70
C SER A 246 25.06 19.39 -17.40
N MET A 247 26.37 19.38 -17.67
CA MET A 247 27.18 18.21 -17.37
C MET A 247 27.22 17.90 -15.89
N LYS A 248 27.35 18.94 -15.05
CA LYS A 248 27.36 18.71 -13.60
C LYS A 248 26.02 18.18 -13.12
N LEU A 249 24.92 18.74 -13.63
CA LEU A 249 23.61 18.23 -13.22
C LEU A 249 23.42 16.79 -13.67
N PHE A 250 23.86 16.47 -14.89
CA PHE A 250 23.79 15.09 -15.36
C PHE A 250 24.64 14.16 -14.51
N ASP A 251 25.83 14.59 -14.10
CA ASP A 251 26.66 13.78 -13.23
C ASP A 251 25.98 13.53 -11.89
N SER A 252 25.37 14.58 -11.32
CA SER A 252 24.69 14.41 -10.04
C SER A 252 23.51 13.45 -10.15
N ILE A 253 22.73 13.57 -11.22
CA ILE A 253 21.54 12.74 -11.37
C ILE A 253 21.92 11.29 -11.68
N CYS A 254 22.82 11.09 -12.63
CA CYS A 254 23.18 9.74 -13.07
C CYS A 254 23.81 8.95 -11.94
N ASN A 255 24.69 9.56 -11.16
CA ASN A 255 25.39 8.89 -10.07
C ASN A 255 24.65 9.02 -8.74
N ASN A 256 23.41 9.48 -8.76
CA ASN A 256 22.63 9.57 -7.54
C ASN A 256 22.36 8.17 -6.98
N LYS A 257 22.36 8.06 -5.64
CA LYS A 257 22.16 6.76 -5.02
C LYS A 257 20.74 6.25 -5.22
N TRP A 258 19.79 7.15 -5.44
CA TRP A 258 18.41 6.73 -5.71
C TRP A 258 18.21 6.28 -7.14
N PHE A 259 19.15 6.59 -8.03
CA PHE A 259 19.11 6.12 -9.42
C PHE A 259 20.46 5.47 -9.70
N THR A 260 20.55 4.17 -9.40
CA THR A 260 21.74 3.38 -9.70
C THR A 260 21.56 2.47 -10.91
N ASP A 261 20.38 1.87 -11.05
CA ASP A 261 20.06 1.02 -12.20
C ASP A 261 19.01 1.66 -13.11
N THR A 262 18.69 2.93 -12.89
CA THR A 262 17.65 3.60 -13.67
C THR A 262 18.24 4.08 -14.99
N SER A 263 17.60 3.72 -16.10
CA SER A 263 18.09 4.11 -17.41
C SER A 263 17.79 5.58 -17.68
N ILE A 264 18.66 6.19 -18.48
CA ILE A 264 18.55 7.60 -18.83
C ILE A 264 18.43 7.71 -20.34
N ILE A 265 17.38 8.37 -20.79
CA ILE A 265 17.20 8.74 -22.20
C ILE A 265 17.70 10.16 -22.34
N LEU A 266 18.83 10.33 -23.01
CA LEU A 266 19.45 11.64 -23.15
C LEU A 266 19.07 12.26 -24.48
N PHE A 267 18.44 13.43 -24.44
CA PHE A 267 18.08 14.17 -25.63
C PHE A 267 19.02 15.35 -25.80
N LEU A 268 19.63 15.43 -26.98
CA LEU A 268 20.51 16.51 -27.37
C LEU A 268 19.78 17.37 -28.39
N ASN A 269 19.08 18.38 -27.91
CA ASN A 269 18.19 19.19 -28.73
C ASN A 269 18.95 20.33 -29.40
N LYS A 270 18.24 21.05 -30.27
CA LYS A 270 18.79 22.19 -30.99
C LYS A 270 20.00 21.79 -31.84
N LYS A 271 19.85 20.69 -32.58
CA LYS A 271 20.96 20.21 -33.39
C LYS A 271 21.23 21.14 -34.57
N ASP A 272 20.17 21.71 -35.16
CA ASP A 272 20.36 22.63 -36.29
C ASP A 272 21.10 23.88 -35.86
N LEU A 273 20.68 24.49 -34.76
CA LEU A 273 21.42 25.63 -34.23
C LEU A 273 22.85 25.24 -33.91
N PHE A 274 23.06 24.02 -33.44
CA PHE A 274 24.42 23.57 -33.13
C PHE A 274 25.27 23.48 -34.39
N GLU A 275 24.72 22.95 -35.48
CA GLU A 275 25.54 22.81 -36.69
C GLU A 275 25.79 24.17 -37.32
N GLU A 276 24.89 25.13 -37.11
CA GLU A 276 25.18 26.49 -37.57
C GLU A 276 26.28 27.13 -36.73
N LYS A 277 26.16 27.04 -35.41
CA LYS A 277 27.11 27.72 -34.54
C LYS A 277 28.49 27.08 -34.58
N ILE A 278 28.55 25.76 -34.77
CA ILE A 278 29.83 25.06 -34.82
C ILE A 278 30.65 25.53 -36.01
N LYS A 279 30.04 25.67 -37.18
CA LYS A 279 30.74 26.29 -38.30
C LYS A 279 31.06 27.75 -37.99
N LYS A 280 30.12 28.46 -37.37
CA LYS A 280 30.36 29.86 -37.04
C LYS A 280 31.41 30.00 -35.93
N SER A 281 31.40 29.11 -34.95
CA SER A 281 32.30 29.22 -33.80
C SER A 281 32.94 27.87 -33.50
N PRO A 282 34.23 27.81 -33.21
CA PRO A 282 34.85 26.54 -32.81
C PRO A 282 34.19 25.94 -31.57
N LEU A 283 34.42 24.63 -31.40
CA LEU A 283 33.98 23.92 -30.21
C LEU A 283 34.97 24.01 -29.05
N THR A 284 36.16 24.59 -29.28
CA THR A 284 37.16 24.66 -28.23
C THR A 284 36.77 25.63 -27.13
N ILE A 285 35.74 26.46 -27.36
CA ILE A 285 35.37 27.48 -26.40
C ILE A 285 34.99 26.86 -25.06
N CYS A 286 34.20 25.79 -25.07
CA CYS A 286 33.77 25.17 -23.83
C CYS A 286 34.95 24.57 -23.07
N TYR A 287 35.81 23.82 -23.75
CA TYR A 287 37.01 23.25 -23.12
C TYR A 287 38.08 22.94 -24.17
N PRO A 288 39.24 23.61 -24.11
CA PRO A 288 40.23 23.49 -25.19
C PRO A 288 40.83 22.11 -25.35
N GLU A 289 40.58 21.17 -24.43
CA GLU A 289 41.16 19.84 -24.57
C GLU A 289 40.75 19.21 -25.89
N TYR A 290 39.62 19.64 -26.44
CA TYR A 290 39.16 19.13 -27.73
C TYR A 290 40.08 19.61 -28.84
N ALA A 291 40.76 18.68 -29.50
CA ALA A 291 41.61 18.97 -30.64
C ALA A 291 41.10 18.32 -31.92
N GLY A 292 39.89 17.75 -31.90
CA GLY A 292 39.36 17.11 -33.07
C GLY A 292 38.95 18.09 -34.14
N SER A 293 38.62 17.55 -35.32
CA SER A 293 38.24 18.39 -36.44
C SER A 293 36.95 19.14 -36.15
N ASN A 294 36.82 20.31 -36.76
CA ASN A 294 35.65 21.17 -36.57
C ASN A 294 34.58 20.74 -37.58
N THR A 295 33.67 19.88 -37.13
CA THR A 295 32.60 19.37 -37.99
C THR A 295 31.42 19.00 -37.11
N TYR A 296 30.21 19.15 -37.66
CA TYR A 296 29.01 18.88 -36.89
C TYR A 296 28.95 17.43 -36.42
N GLU A 297 29.26 16.49 -37.31
CA GLU A 297 29.17 15.08 -36.93
C GLU A 297 30.16 14.75 -35.81
N GLU A 298 31.42 15.12 -35.98
CA GLU A 298 32.42 14.80 -34.97
C GLU A 298 32.13 15.52 -33.66
N ALA A 299 31.74 16.80 -33.73
CA ALA A 299 31.44 17.54 -32.50
C ALA A 299 30.26 16.94 -31.77
N ALA A 300 29.19 16.59 -32.49
CA ALA A 300 28.02 15.99 -31.86
C ALA A 300 28.39 14.66 -31.23
N ALA A 301 29.11 13.81 -31.95
CA ALA A 301 29.51 12.52 -31.40
C ALA A 301 30.41 12.69 -30.18
N TYR A 302 31.30 13.68 -30.21
CA TYR A 302 32.22 13.84 -29.10
C TYR A 302 31.51 14.39 -27.86
N ILE A 303 30.51 15.27 -28.07
CA ILE A 303 29.69 15.71 -26.95
C ILE A 303 28.91 14.53 -26.37
N GLN A 304 28.35 13.69 -27.23
CA GLN A 304 27.68 12.48 -26.77
C GLN A 304 28.63 11.63 -25.93
N CYS A 305 29.86 11.45 -26.40
CA CYS A 305 30.84 10.67 -25.66
C CYS A 305 31.19 11.31 -24.32
N GLN A 306 31.32 12.64 -24.28
CA GLN A 306 31.61 13.31 -23.01
C GLN A 306 30.48 13.09 -22.01
N PHE A 307 29.23 13.20 -22.46
CA PHE A 307 28.11 12.95 -21.56
C PHE A 307 28.06 11.50 -21.11
N GLU A 308 28.26 10.57 -22.03
CA GLU A 308 28.17 9.15 -21.67
C GLU A 308 29.32 8.73 -20.77
N ASP A 309 30.46 9.43 -20.83
CA ASP A 309 31.59 9.11 -19.97
C ASP A 309 31.31 9.46 -18.51
N LEU A 310 30.28 10.26 -18.24
CA LEU A 310 29.94 10.58 -16.86
C LEU A 310 29.33 9.40 -16.13
N ASN A 311 28.84 8.40 -16.87
CA ASN A 311 28.26 7.21 -16.24
C ASN A 311 29.36 6.41 -15.53
N LYS A 312 29.19 6.23 -14.23
CA LYS A 312 30.15 5.48 -13.43
C LYS A 312 29.79 4.01 -13.26
N ARG A 313 28.59 3.60 -13.68
CA ARG A 313 28.17 2.19 -13.65
C ARG A 313 27.68 1.86 -15.06
N LYS A 314 28.62 1.49 -15.94
CA LYS A 314 28.27 1.20 -17.32
C LYS A 314 27.76 -0.22 -17.50
N ASP A 315 27.99 -1.09 -16.52
CA ASP A 315 27.53 -2.48 -16.64
C ASP A 315 26.08 -2.62 -16.20
N THR A 316 25.58 -1.74 -15.34
CA THR A 316 24.26 -1.86 -14.77
C THR A 316 23.35 -0.66 -15.06
N LYS A 317 23.79 0.28 -15.91
CA LYS A 317 22.98 1.43 -16.25
C LYS A 317 23.21 1.75 -17.72
N GLU A 318 22.12 1.88 -18.47
CA GLU A 318 22.19 2.26 -19.88
C GLU A 318 21.86 3.74 -20.04
N ILE A 319 22.46 4.35 -21.05
CA ILE A 319 22.17 5.73 -21.43
C ILE A 319 21.85 5.74 -22.92
N TYR A 320 20.63 6.12 -23.26
CA TYR A 320 20.16 6.18 -24.63
C TYR A 320 20.25 7.63 -25.09
N THR A 321 21.09 7.89 -26.09
CA THR A 321 21.33 9.24 -26.59
C THR A 321 20.64 9.41 -27.94
N HIS A 322 19.93 10.51 -28.10
CA HIS A 322 19.20 10.79 -29.33
C HIS A 322 19.33 12.27 -29.66
N PHE A 323 19.65 12.57 -30.91
CA PHE A 323 19.70 13.95 -31.36
C PHE A 323 18.33 14.37 -31.89
N THR A 324 17.65 15.22 -31.12
CA THR A 324 16.26 15.56 -31.41
C THR A 324 16.15 16.35 -32.71
N CYS A 325 15.06 16.09 -33.43
CA CYS A 325 14.79 16.74 -34.70
C CYS A 325 13.31 17.12 -34.73
N SER A 326 12.94 17.89 -35.76
CA SER A 326 11.60 18.46 -35.84
C SER A 326 10.50 17.42 -36.02
N THR A 327 10.84 16.19 -36.41
CA THR A 327 9.84 15.15 -36.64
C THR A 327 9.35 14.63 -35.29
N ASP A 328 8.05 14.74 -35.05
CA ASP A 328 7.49 14.36 -33.77
C ASP A 328 7.54 12.85 -33.55
N THR A 329 7.37 12.08 -34.64
CA THR A 329 7.23 10.63 -34.49
C THR A 329 8.50 10.00 -33.92
N LYS A 330 9.67 10.45 -34.35
CA LYS A 330 10.91 9.77 -33.98
C LYS A 330 11.17 9.87 -32.49
N ASN A 331 10.86 11.02 -31.88
CA ASN A 331 11.14 11.19 -30.46
C ASN A 331 10.33 10.22 -29.61
N VAL A 332 9.04 10.05 -29.94
CA VAL A 332 8.21 9.12 -29.19
C VAL A 332 8.69 7.69 -29.40
N GLN A 333 9.12 7.38 -30.63
CA GLN A 333 9.60 6.03 -30.91
C GLN A 333 10.86 5.71 -30.11
N PHE A 334 11.76 6.67 -29.99
CA PHE A 334 12.99 6.45 -29.23
C PHE A 334 12.67 6.16 -27.76
N VAL A 335 11.76 6.95 -27.17
CA VAL A 335 11.37 6.72 -25.79
C VAL A 335 10.71 5.36 -25.65
N PHE A 336 9.85 4.99 -26.61
CA PHE A 336 9.18 3.70 -26.54
C PHE A 336 10.19 2.56 -26.58
N ASP A 337 11.21 2.67 -27.44
CA ASP A 337 12.20 1.60 -27.54
C ASP A 337 13.04 1.51 -26.26
N ALA A 338 13.47 2.64 -25.72
CA ALA A 338 14.22 2.61 -24.47
C ALA A 338 13.38 2.01 -23.35
N VAL A 339 12.10 2.39 -23.26
CA VAL A 339 11.24 1.87 -22.22
C VAL A 339 10.98 0.38 -22.42
N THR A 340 10.90 -0.07 -23.68
CA THR A 340 10.77 -1.50 -23.95
C THR A 340 11.99 -2.25 -23.44
N ASP A 341 13.19 -1.71 -23.66
CA ASP A 341 14.38 -2.35 -23.12
C ASP A 341 14.36 -2.38 -21.60
N VAL A 342 13.92 -1.28 -20.96
CA VAL A 342 13.86 -1.26 -19.51
C VAL A 342 12.86 -2.29 -18.99
N ILE A 343 11.71 -2.42 -19.67
CA ILE A 343 10.71 -3.38 -19.24
C ILE A 343 11.22 -4.80 -19.42
N ILE A 344 11.95 -5.06 -20.50
CA ILE A 344 12.54 -6.39 -20.68
C ILE A 344 13.53 -6.69 -19.57
N LYS A 345 14.34 -5.70 -19.19
CA LYS A 345 15.28 -5.90 -18.08
C LYS A 345 14.53 -6.21 -16.78
N ASN A 346 13.47 -5.46 -16.50
CA ASN A 346 12.70 -5.70 -15.29
C ASN A 346 12.04 -7.08 -15.31
N ASN A 347 11.52 -7.48 -16.46
CA ASN A 347 10.91 -8.80 -16.58
C ASN A 347 11.94 -9.90 -16.37
N LEU A 348 13.15 -9.72 -16.91
CA LEU A 348 14.20 -10.70 -16.69
C LEU A 348 14.55 -10.80 -15.21
N LYS A 349 14.63 -9.67 -14.52
CA LYS A 349 14.89 -9.72 -13.08
C LYS A 349 13.76 -10.44 -12.35
N ASP A 350 12.51 -10.18 -12.74
CA ASP A 350 11.37 -10.83 -12.10
C ASP A 350 11.41 -12.34 -12.31
N CYS A 351 11.72 -12.78 -13.53
CA CYS A 351 11.76 -14.21 -13.82
C CYS A 351 12.91 -14.91 -13.12
N GLY A 352 13.90 -14.15 -12.66
CA GLY A 352 15.08 -14.73 -12.04
C GLY A 352 16.20 -15.05 -13.01
N LEU A 353 15.96 -14.94 -14.32
CA LEU A 353 17.03 -15.19 -15.29
C LEU A 353 18.17 -14.21 -15.10
N PHE A 354 17.85 -12.93 -14.91
CA PHE A 354 18.87 -11.90 -14.77
C PHE A 354 18.90 -11.38 -13.34
N ASP B 18 30.97 47.30 5.83
CA ASP B 18 30.84 45.91 6.23
C ASP B 18 30.73 45.79 7.75
N GLN B 19 30.07 46.77 8.37
CA GLN B 19 29.86 46.71 9.81
C GLN B 19 28.81 45.68 10.17
N LEU B 20 27.94 45.33 9.22
CA LEU B 20 26.85 44.41 9.51
C LEU B 20 27.36 43.03 9.94
N ARG B 21 28.38 42.51 9.26
CA ARG B 21 28.88 41.19 9.60
C ARG B 21 29.50 41.17 10.98
N GLN B 22 30.25 42.22 11.34
CA GLN B 22 30.84 42.28 12.67
C GLN B 22 29.75 42.43 13.74
N GLU B 23 28.73 43.25 13.47
CA GLU B 23 27.66 43.44 14.45
C GLU B 23 26.88 42.16 14.67
N ALA B 24 26.58 41.42 13.60
CA ALA B 24 25.87 40.15 13.75
C ALA B 24 26.69 39.14 14.54
N GLU B 25 28.00 39.09 14.28
CA GLU B 25 28.87 38.20 15.04
C GLU B 25 28.89 38.60 16.51
N GLN B 26 28.92 39.90 16.79
CA GLN B 26 28.87 40.37 18.18
C GLN B 26 27.58 39.93 18.85
N LEU B 27 26.44 40.08 18.15
CA LEU B 27 25.16 39.68 18.73
C LEU B 27 25.13 38.18 18.99
N LYS B 28 25.64 37.39 18.04
CA LYS B 28 25.68 35.95 18.23
C LYS B 28 26.57 35.57 19.41
N ASN B 29 27.72 36.25 19.55
CA ASN B 29 28.60 35.99 20.68
C ASN B 29 27.91 36.33 22.00
N GLN B 30 27.18 37.44 22.03
CA GLN B 30 26.45 37.80 23.24
C GLN B 30 25.40 36.76 23.60
N ILE B 31 24.66 36.29 22.59
CA ILE B 31 23.66 35.24 22.83
C ILE B 31 24.34 33.98 23.35
N ARG B 32 25.47 33.60 22.74
CA ARG B 32 26.18 32.39 23.15
C ARG B 32 26.67 32.51 24.59
N ASP B 33 27.22 33.67 24.95
CA ASP B 33 27.70 33.87 26.30
C ASP B 33 26.55 33.83 27.30
N ALA B 34 25.41 34.44 26.95
CA ALA B 34 24.25 34.37 27.83
C ALA B 34 23.80 32.93 28.02
N ARG B 35 23.76 32.16 26.93
CA ARG B 35 23.36 30.76 27.04
C ARG B 35 24.32 29.97 27.92
N LYS B 36 25.62 30.17 27.73
CA LYS B 36 26.60 29.42 28.52
C LYS B 36 26.54 29.79 29.99
N ALA B 37 26.41 31.09 30.30
CA ALA B 37 26.25 31.50 31.69
C ALA B 37 24.98 30.90 32.28
N CYS B 38 23.90 30.86 31.49
CA CYS B 38 22.68 30.20 31.94
C CYS B 38 22.91 28.73 32.21
N ALA B 39 23.91 28.13 31.55
CA ALA B 39 24.21 26.72 31.76
C ALA B 39 25.05 26.54 33.01
N ASP B 40 24.56 25.74 33.95
CA ASP B 40 25.30 25.39 35.15
C ASP B 40 25.38 23.89 35.40
N ALA B 41 24.33 23.14 35.06
CA ALA B 41 24.30 21.70 35.23
C ALA B 41 23.69 21.04 33.99
N THR B 42 24.34 19.99 33.52
CA THR B 42 23.81 19.23 32.39
C THR B 42 22.71 18.29 32.85
N LEU B 43 21.69 18.12 32.01
CA LEU B 43 20.57 17.26 32.36
C LEU B 43 21.01 15.84 32.67
N SER B 44 22.14 15.41 32.11
CA SER B 44 22.56 14.02 32.24
C SER B 44 22.76 13.61 33.69
N GLN B 45 23.56 14.37 34.46
CA GLN B 45 23.83 13.95 35.83
C GLN B 45 22.65 14.24 36.76
N ILE B 46 21.84 15.24 36.44
CA ILE B 46 20.65 15.47 37.24
C ILE B 46 19.70 14.28 37.16
N THR B 47 19.69 13.57 36.03
CA THR B 47 18.91 12.36 35.88
C THR B 47 19.71 11.09 36.18
N ASN B 48 20.90 11.23 36.76
CA ASN B 48 21.70 10.05 37.07
C ASN B 48 21.10 9.24 38.22
N ASN B 49 20.43 9.92 39.17
CA ASN B 49 19.88 9.22 40.32
C ASN B 49 18.60 8.48 39.96
N ILE B 50 17.79 9.05 39.09
CA ILE B 50 16.53 8.41 38.71
C ILE B 50 16.83 7.12 37.97
N ASP B 51 16.02 6.09 38.22
CA ASP B 51 16.33 4.77 37.73
C ASP B 51 15.90 4.62 36.27
N PRO B 52 16.55 3.73 35.51
CA PRO B 52 16.16 3.52 34.12
C PRO B 52 14.78 2.91 34.00
N VAL B 53 14.12 3.19 32.88
CA VAL B 53 12.82 2.59 32.61
C VAL B 53 12.95 1.07 32.48
N GLY B 54 14.15 0.58 32.16
CA GLY B 54 14.32 -0.82 31.84
C GLY B 54 13.97 -1.11 30.40
N ARG B 55 14.24 -2.35 29.99
CA ARG B 55 13.96 -2.74 28.62
C ARG B 55 12.47 -2.58 28.31
N ILE B 56 12.19 -1.96 27.17
CA ILE B 56 10.83 -1.73 26.70
C ILE B 56 10.59 -2.68 25.55
N GLN B 57 9.76 -3.70 25.78
CA GLN B 57 9.42 -4.68 24.77
C GLN B 57 8.00 -4.43 24.30
N MET B 58 7.85 -3.92 23.09
CA MET B 58 6.55 -3.62 22.51
C MET B 58 6.28 -4.63 21.41
N ARG B 59 5.07 -5.18 21.40
CA ARG B 59 4.66 -6.14 20.40
C ARG B 59 3.80 -5.46 19.35
N THR B 60 3.86 -5.97 18.12
CA THR B 60 2.96 -5.52 17.07
C THR B 60 1.59 -6.14 17.27
N ARG B 61 0.59 -5.28 17.45
CA ARG B 61 -0.78 -5.70 17.68
C ARG B 61 -1.64 -5.65 16.43
N ARG B 62 -1.37 -4.72 15.52
CA ARG B 62 -2.10 -4.61 14.27
C ARG B 62 -1.12 -4.33 13.14
N THR B 63 -1.45 -4.83 11.96
CA THR B 63 -0.73 -4.51 10.73
C THR B 63 -1.75 -4.08 9.68
N LEU B 64 -1.64 -2.84 9.22
CA LEU B 64 -2.60 -2.27 8.29
C LEU B 64 -2.06 -2.41 6.87
N ARG B 65 -2.86 -3.01 6.00
CA ARG B 65 -2.44 -3.37 4.66
C ARG B 65 -3.39 -2.75 3.64
N GLY B 66 -2.83 -2.34 2.49
CA GLY B 66 -3.64 -1.85 1.40
C GLY B 66 -3.05 -0.69 0.63
N HIS B 67 -2.00 -0.03 1.13
CA HIS B 67 -1.49 1.16 0.46
C HIS B 67 -0.84 0.82 -0.88
N LEU B 68 -0.20 -0.33 -0.98
CA LEU B 68 0.41 -0.79 -2.23
C LEU B 68 1.52 0.14 -2.72
N ALA B 69 2.05 0.99 -1.84
CA ALA B 69 3.14 1.87 -2.24
C ALA B 69 3.76 2.49 -1.00
N LYS B 70 4.72 3.38 -1.24
CA LYS B 70 5.50 3.99 -0.17
C LYS B 70 4.63 4.88 0.69
N ILE B 71 4.74 4.75 2.01
CA ILE B 71 4.01 5.60 2.94
C ILE B 71 4.92 6.71 3.43
N TYR B 72 4.44 7.95 3.36
CA TYR B 72 5.24 9.12 3.72
C TYR B 72 4.78 9.80 5.00
N ALA B 73 3.52 9.66 5.38
CA ALA B 73 3.02 10.37 6.54
C ALA B 73 1.81 9.66 7.13
N MET B 74 1.61 9.84 8.44
CA MET B 74 0.40 9.41 9.11
C MET B 74 0.13 10.36 10.27
N HIS B 75 -1.12 10.36 10.73
CA HIS B 75 -1.51 11.18 11.87
C HIS B 75 -2.69 10.53 12.58
N TRP B 76 -2.55 10.40 13.91
CA TRP B 76 -3.61 9.87 14.74
C TRP B 76 -4.75 10.87 14.89
N GLY B 77 -5.97 10.34 15.05
CA GLY B 77 -7.08 11.13 15.50
C GLY B 77 -7.06 11.34 17.00
N THR B 78 -7.75 12.39 17.44
CA THR B 78 -7.77 12.73 18.85
C THR B 78 -8.54 11.72 19.70
N ASP B 79 -9.34 10.85 19.08
CA ASP B 79 -10.01 9.79 19.81
C ASP B 79 -9.13 8.57 20.01
N SER B 80 -7.91 8.58 19.46
CA SER B 80 -6.92 7.52 19.65
C SER B 80 -7.35 6.21 19.01
N ARG B 81 -8.32 6.25 18.11
CA ARG B 81 -8.78 5.06 17.41
C ARG B 81 -8.70 5.18 15.90
N LEU B 82 -9.05 6.33 15.34
CA LEU B 82 -8.95 6.56 13.91
C LEU B 82 -7.59 7.17 13.58
N LEU B 83 -7.05 6.82 12.42
CA LEU B 83 -5.82 7.44 11.97
C LEU B 83 -5.81 7.58 10.46
N VAL B 84 -5.15 8.62 9.96
CA VAL B 84 -5.06 8.88 8.53
C VAL B 84 -3.64 8.60 8.07
N SER B 85 -3.52 8.03 6.87
CA SER B 85 -2.23 7.66 6.30
C SER B 85 -2.17 8.13 4.85
N ALA B 86 -1.02 8.66 4.46
CA ALA B 86 -0.80 9.17 3.11
C ALA B 86 0.33 8.37 2.46
N SER B 87 0.14 8.00 1.19
CA SER B 87 1.10 7.21 0.46
C SER B 87 1.26 7.74 -0.95
N GLN B 88 2.40 7.41 -1.58
CA GLN B 88 2.69 7.82 -2.95
C GLN B 88 1.76 7.16 -3.95
N ASP B 89 0.98 6.16 -3.55
CA ASP B 89 -0.04 5.56 -4.39
C ASP B 89 -1.14 6.53 -4.77
N GLY B 90 -1.13 7.75 -4.23
CA GLY B 90 -2.19 8.70 -4.49
C GLY B 90 -3.43 8.49 -3.67
N LYS B 91 -3.30 7.91 -2.47
CA LYS B 91 -4.44 7.56 -1.63
C LYS B 91 -4.21 8.06 -0.22
N LEU B 92 -5.22 8.67 0.36
CA LEU B 92 -5.32 8.83 1.81
C LEU B 92 -6.23 7.71 2.32
N ILE B 93 -5.79 7.00 3.35
CA ILE B 93 -6.60 5.96 3.95
C ILE B 93 -6.85 6.34 5.40
N ILE B 94 -8.13 6.38 5.78
CA ILE B 94 -8.53 6.55 7.17
C ILE B 94 -8.89 5.18 7.70
N TRP B 95 -8.13 4.72 8.71
CA TRP B 95 -8.22 3.40 9.29
C TRP B 95 -8.84 3.48 10.68
N ASP B 96 -9.68 2.49 10.98
CA ASP B 96 -10.05 2.17 12.35
C ASP B 96 -8.99 1.23 12.90
N SER B 97 -8.19 1.70 13.86
CA SER B 97 -7.06 0.93 14.33
C SER B 97 -7.47 -0.24 15.22
N TYR B 98 -8.60 -0.14 15.92
CA TYR B 98 -9.02 -1.23 16.78
C TYR B 98 -9.38 -2.48 15.98
N THR B 99 -10.09 -2.33 14.87
CA THR B 99 -10.57 -3.45 14.09
C THR B 99 -9.83 -3.62 12.77
N THR B 100 -8.88 -2.74 12.45
CA THR B 100 -8.11 -2.75 11.22
C THR B 100 -8.97 -2.39 10.02
N ASN B 101 -10.24 -2.04 10.22
CA ASN B 101 -11.11 -1.70 9.11
C ASN B 101 -10.69 -0.38 8.48
N LYS B 102 -10.93 -0.28 7.16
CA LYS B 102 -10.70 0.97 6.44
C LYS B 102 -11.97 1.80 6.46
N VAL B 103 -11.92 2.93 7.16
CA VAL B 103 -13.08 3.83 7.22
C VAL B 103 -13.24 4.59 5.93
N HIS B 104 -12.16 5.13 5.37
CA HIS B 104 -12.26 5.92 4.14
C HIS B 104 -11.04 5.70 3.25
N ALA B 105 -11.26 5.85 1.95
CA ALA B 105 -10.19 5.84 0.94
C ALA B 105 -10.40 7.01 0.00
N ILE B 106 -9.55 8.02 0.11
CA ILE B 106 -9.69 9.29 -0.61
C ILE B 106 -8.65 9.30 -1.73
N PRO B 107 -9.06 9.39 -2.99
CA PRO B 107 -8.06 9.57 -4.07
C PRO B 107 -7.58 11.01 -4.14
N LEU B 108 -6.32 11.18 -4.48
CA LEU B 108 -5.68 12.49 -4.53
C LEU B 108 -5.38 12.88 -5.97
N ARG B 109 -5.57 14.16 -6.28
CA ARG B 109 -5.21 14.66 -7.60
C ARG B 109 -3.71 14.51 -7.85
N SER B 110 -2.89 14.87 -6.86
CA SER B 110 -1.45 14.74 -6.94
C SER B 110 -1.01 13.58 -6.06
N SER B 111 -0.39 12.57 -6.67
CA SER B 111 0.03 11.39 -5.92
C SER B 111 1.33 11.65 -5.15
N TRP B 112 1.99 12.77 -5.42
CA TRP B 112 3.28 13.08 -4.79
C TRP B 112 3.00 13.80 -3.48
N VAL B 113 2.60 13.03 -2.46
CA VAL B 113 2.17 13.56 -1.17
C VAL B 113 3.27 13.31 -0.16
N MET B 114 3.63 14.36 0.60
CA MET B 114 4.68 14.28 1.60
C MET B 114 4.17 14.39 3.02
N THR B 115 2.93 14.82 3.22
CA THR B 115 2.41 15.02 4.56
C THR B 115 0.90 14.89 4.56
N CYS B 116 0.35 14.66 5.76
CA CYS B 116 -1.09 14.63 5.96
C CYS B 116 -1.36 15.00 7.41
N ALA B 117 -2.58 15.44 7.68
CA ALA B 117 -3.01 15.81 9.03
C ALA B 117 -4.48 15.46 9.20
N TYR B 118 -4.89 15.28 10.46
CA TYR B 118 -6.26 14.95 10.81
C TYR B 118 -6.76 16.03 11.76
N ALA B 119 -7.91 16.61 11.45
CA ALA B 119 -8.40 17.74 12.24
C ALA B 119 -8.75 17.28 13.66
N PRO B 120 -8.47 18.12 14.67
CA PRO B 120 -8.84 17.72 16.04
C PRO B 120 -10.32 17.42 16.19
N SER B 121 -11.19 18.16 15.51
CA SER B 121 -12.61 17.87 15.58
C SER B 121 -12.94 16.55 14.87
N GLY B 122 -12.06 16.08 14.00
CA GLY B 122 -12.31 14.89 13.22
C GLY B 122 -13.13 15.10 11.97
N ASN B 123 -13.39 16.36 11.59
CA ASN B 123 -14.25 16.63 10.45
C ASN B 123 -13.48 16.72 9.15
N TYR B 124 -12.17 16.99 9.22
CA TYR B 124 -11.39 17.33 8.05
C TYR B 124 -10.06 16.59 8.05
N VAL B 125 -9.54 16.36 6.85
CA VAL B 125 -8.21 15.79 6.64
C VAL B 125 -7.44 16.69 5.69
N ALA B 126 -6.20 17.02 6.04
CA ALA B 126 -5.35 17.85 5.21
C ALA B 126 -4.20 17.04 4.65
N CYS B 127 -3.78 17.38 3.43
CA CYS B 127 -2.64 16.73 2.83
C CYS B 127 -1.97 17.69 1.85
N GLY B 128 -0.74 17.34 1.46
CA GLY B 128 0.00 18.16 0.52
C GLY B 128 1.29 17.49 0.14
N GLY B 129 1.96 18.08 -0.86
CA GLY B 129 3.19 17.50 -1.36
C GLY B 129 3.91 18.34 -2.39
N LEU B 130 4.37 17.70 -3.46
CA LEU B 130 5.09 18.38 -4.52
C LEU B 130 4.20 19.24 -5.40
N ASP B 131 2.90 19.27 -5.15
CA ASP B 131 1.98 20.15 -5.85
C ASP B 131 1.96 21.55 -5.28
N ASN B 132 2.65 21.79 -4.16
CA ASN B 132 2.67 23.09 -3.49
C ASN B 132 1.29 23.54 -3.05
N ILE B 133 0.39 22.60 -2.78
CA ILE B 133 -0.99 22.88 -2.40
C ILE B 133 -1.32 22.09 -1.15
N CYS B 134 -2.09 22.70 -0.24
CA CYS B 134 -2.63 22.00 0.91
C CYS B 134 -4.11 21.75 0.66
N SER B 135 -4.46 20.50 0.39
CA SER B 135 -5.85 20.13 0.13
C SER B 135 -6.52 19.78 1.46
N ILE B 136 -7.66 20.41 1.71
CA ILE B 136 -8.50 20.16 2.87
C ILE B 136 -9.73 19.41 2.40
N TYR B 137 -9.94 18.21 2.94
CA TYR B 137 -11.02 17.32 2.57
C TYR B 137 -12.01 17.25 3.72
N ASN B 138 -13.30 17.35 3.39
CA ASN B 138 -14.36 17.26 4.39
C ASN B 138 -14.82 15.81 4.53
N LEU B 139 -14.77 15.30 5.76
CA LEU B 139 -15.13 13.91 6.03
C LEU B 139 -16.59 13.70 6.38
N LYS B 140 -17.33 14.77 6.70
CA LYS B 140 -18.69 14.66 7.21
C LYS B 140 -19.71 15.28 6.25
N THR B 141 -19.57 15.02 4.97
CA THR B 141 -20.51 15.54 3.99
C THR B 141 -21.84 14.80 4.08
N ARG B 142 -22.91 15.48 3.66
CA ARG B 142 -24.23 14.86 3.65
C ARG B 142 -24.41 13.90 2.47
N GLU B 143 -23.57 14.01 1.45
CA GLU B 143 -23.68 13.12 0.30
C GLU B 143 -23.09 11.75 0.58
N GLY B 144 -22.38 11.60 1.70
CA GLY B 144 -21.79 10.33 2.08
C GLY B 144 -20.42 10.06 1.50
N ASN B 145 -19.83 11.01 0.78
CA ASN B 145 -18.52 10.86 0.19
C ASN B 145 -17.62 12.00 0.65
N VAL B 146 -16.31 11.78 0.61
CA VAL B 146 -15.33 12.80 0.96
C VAL B 146 -15.03 13.61 -0.29
N ARG B 147 -15.18 14.93 -0.21
CA ARG B 147 -14.81 15.82 -1.30
C ARG B 147 -13.75 16.81 -0.82
N VAL B 148 -13.04 17.37 -1.80
CA VAL B 148 -12.10 18.45 -1.50
C VAL B 148 -12.90 19.68 -1.08
N SER B 149 -12.69 20.12 0.15
CA SER B 149 -13.37 21.32 0.64
C SER B 149 -12.60 22.58 0.31
N ARG B 150 -11.26 22.48 0.23
CA ARG B 150 -10.46 23.64 -0.11
C ARG B 150 -9.12 23.20 -0.67
N GLU B 151 -8.51 24.07 -1.48
CA GLU B 151 -7.18 23.86 -2.02
C GLU B 151 -6.35 25.11 -1.76
N LEU B 152 -5.61 25.11 -0.66
CA LEU B 152 -4.80 26.27 -0.28
C LEU B 152 -3.55 26.34 -1.14
N ALA B 153 -3.41 27.44 -1.87
CA ALA B 153 -2.28 27.67 -2.76
C ALA B 153 -1.61 28.98 -2.36
N GLY B 154 -0.31 29.05 -2.59
CA GLY B 154 0.49 30.20 -2.20
C GLY B 154 1.90 29.87 -1.76
N HIS B 155 2.27 28.60 -1.68
CA HIS B 155 3.65 28.22 -1.47
C HIS B 155 4.34 28.01 -2.81
N THR B 156 5.60 28.39 -2.90
CA THR B 156 6.38 28.18 -4.11
C THR B 156 7.22 26.91 -4.06
N GLY B 157 7.18 26.17 -2.94
CA GLY B 157 7.87 24.92 -2.83
C GLY B 157 6.96 23.85 -2.28
N TYR B 158 7.47 22.62 -2.29
CA TYR B 158 6.68 21.48 -1.81
C TYR B 158 6.28 21.69 -0.37
N LEU B 159 5.08 21.25 -0.02
CA LEU B 159 4.67 21.25 1.38
C LEU B 159 5.22 20.02 2.08
N SER B 160 5.83 20.23 3.24
CA SER B 160 6.46 19.17 4.01
C SER B 160 5.69 18.77 5.26
N CYS B 161 4.92 19.68 5.84
CA CYS B 161 4.13 19.37 7.02
C CYS B 161 2.97 20.35 7.13
N CYS B 162 1.86 19.87 7.67
CA CYS B 162 0.69 20.70 7.91
C CYS B 162 -0.02 20.20 9.16
N ARG B 163 -0.53 21.13 9.96
CA ARG B 163 -1.21 20.80 11.20
C ARG B 163 -2.41 21.72 11.39
N PHE B 164 -3.55 21.14 11.77
CA PHE B 164 -4.76 21.90 12.04
C PHE B 164 -4.65 22.57 13.40
N LEU B 165 -4.93 23.87 13.44
CA LEU B 165 -5.22 24.52 14.71
C LEU B 165 -6.67 24.29 15.11
N ASP B 166 -7.58 24.39 14.15
CA ASP B 166 -8.98 24.08 14.35
C ASP B 166 -9.59 23.87 12.97
N ASP B 167 -10.93 23.80 12.92
CA ASP B 167 -11.61 23.54 11.66
C ASP B 167 -11.37 24.63 10.62
N ASN B 168 -10.97 25.83 11.01
CA ASN B 168 -10.84 26.95 10.09
C ASN B 168 -9.41 27.45 9.90
N GLN B 169 -8.46 27.05 10.75
CA GLN B 169 -7.08 27.49 10.65
C GLN B 169 -6.17 26.29 10.48
N ILE B 170 -5.17 26.43 9.62
CA ILE B 170 -4.19 25.35 9.43
C ILE B 170 -2.82 25.97 9.18
N VAL B 171 -1.80 25.42 9.82
CA VAL B 171 -0.42 25.87 9.66
C VAL B 171 0.29 24.87 8.75
N THR B 172 1.01 25.38 7.76
CA THR B 172 1.74 24.56 6.80
C THR B 172 3.19 25.02 6.72
N SER B 173 4.07 24.07 6.43
CA SER B 173 5.48 24.36 6.18
C SER B 173 5.84 23.88 4.78
N SER B 174 6.73 24.62 4.11
CA SER B 174 7.02 24.40 2.71
C SER B 174 8.51 24.33 2.47
N GLY B 175 8.87 23.82 1.29
CA GLY B 175 10.23 23.80 0.81
C GLY B 175 10.69 25.11 0.22
N ASP B 176 9.91 26.18 0.39
CA ASP B 176 10.32 27.52 0.00
C ASP B 176 10.91 28.29 1.18
N THR B 177 11.19 27.60 2.28
CA THR B 177 11.85 28.17 3.46
C THR B 177 10.90 28.98 4.34
N THR B 178 9.61 28.93 4.08
CA THR B 178 8.63 29.71 4.83
C THR B 178 7.52 28.81 5.35
N CYS B 179 6.90 29.24 6.45
CA CYS B 179 5.67 28.63 6.95
C CYS B 179 4.52 29.61 6.74
N ALA B 180 3.31 29.08 6.78
CA ALA B 180 2.14 29.92 6.53
C ALA B 180 0.96 29.45 7.36
N LEU B 181 0.27 30.41 7.98
CA LEU B 181 -1.00 30.17 8.65
C LEU B 181 -2.11 30.52 7.67
N TRP B 182 -3.03 29.58 7.47
CA TRP B 182 -4.08 29.69 6.48
C TRP B 182 -5.44 29.72 7.16
N ASP B 183 -6.26 30.70 6.77
CA ASP B 183 -7.68 30.71 7.11
C ASP B 183 -8.40 29.89 6.04
N ILE B 184 -8.93 28.74 6.43
CA ILE B 184 -9.43 27.78 5.44
C ILE B 184 -10.65 28.33 4.73
N GLU B 185 -11.49 29.08 5.44
CA GLU B 185 -12.74 29.56 4.84
C GLU B 185 -12.47 30.42 3.61
N THR B 186 -11.63 31.45 3.76
CA THR B 186 -11.33 32.33 2.63
C THR B 186 -10.34 31.68 1.68
N GLY B 187 -9.44 30.85 2.20
CA GLY B 187 -8.42 30.22 1.39
C GLY B 187 -7.13 31.01 1.26
N GLN B 188 -6.98 32.10 2.01
CA GLN B 188 -5.80 32.94 1.97
C GLN B 188 -4.97 32.72 3.23
N GLN B 189 -3.67 32.91 3.10
CA GLN B 189 -2.75 32.79 4.23
C GLN B 189 -2.67 34.12 4.95
N THR B 190 -3.09 34.13 6.22
CA THR B 190 -3.15 35.36 7.01
C THR B 190 -1.77 35.79 7.47
N THR B 191 -0.96 34.83 7.96
CA THR B 191 0.36 35.11 8.47
C THR B 191 1.39 34.28 7.70
N THR B 192 2.52 34.90 7.39
CA THR B 192 3.64 34.21 6.76
C THR B 192 4.85 34.30 7.68
N PHE B 193 5.44 33.16 8.00
CA PHE B 193 6.58 33.06 8.88
C PHE B 193 7.84 32.85 8.05
N THR B 194 8.71 33.85 8.06
CA THR B 194 9.93 33.86 7.26
C THR B 194 11.12 33.96 8.20
N GLY B 195 12.24 33.39 7.77
CA GLY B 195 13.46 33.42 8.55
C GLY B 195 14.34 32.20 8.44
N HIS B 196 13.83 31.10 7.89
CA HIS B 196 14.65 29.92 7.60
C HIS B 196 15.37 30.15 6.28
N THR B 197 16.68 29.86 6.26
CA THR B 197 17.44 29.99 5.03
C THR B 197 17.35 28.71 4.19
N GLY B 198 16.99 27.60 4.84
CA GLY B 198 16.84 26.34 4.13
C GLY B 198 15.39 25.88 4.05
N ASP B 199 15.21 24.72 3.44
CA ASP B 199 13.88 24.13 3.33
C ASP B 199 13.35 23.76 4.71
N VAL B 200 12.06 24.00 4.94
CA VAL B 200 11.45 23.64 6.20
C VAL B 200 10.80 22.27 6.05
N MET B 201 11.26 21.32 6.86
CA MET B 201 10.87 19.92 6.71
C MET B 201 9.76 19.48 7.62
N SER B 202 9.55 20.16 8.76
CA SER B 202 8.55 19.70 9.71
C SER B 202 8.14 20.87 10.61
N LEU B 203 6.97 20.72 11.22
CA LEU B 203 6.49 21.66 12.22
C LEU B 203 5.70 20.90 13.26
N SER B 204 5.69 21.43 14.49
CA SER B 204 4.94 20.85 15.58
C SER B 204 4.19 21.96 16.31
N LEU B 205 2.91 21.73 16.55
CA LEU B 205 2.07 22.67 17.29
C LEU B 205 2.20 22.40 18.78
N ALA B 206 2.23 23.48 19.57
CA ALA B 206 2.21 23.34 21.01
C ALA B 206 0.84 22.84 21.46
N PRO B 207 0.77 22.25 22.66
CA PRO B 207 -0.55 21.78 23.14
C PRO B 207 -1.60 22.87 23.17
N ASP B 208 -1.22 24.10 23.53
CA ASP B 208 -2.18 25.20 23.56
C ASP B 208 -2.39 25.81 22.19
N THR B 209 -1.51 25.53 21.23
CA THR B 209 -1.62 25.97 19.85
C THR B 209 -1.35 27.46 19.67
N ARG B 210 -0.92 28.16 20.71
CA ARG B 210 -0.59 29.57 20.58
C ARG B 210 0.77 29.80 19.93
N LEU B 211 1.62 28.78 19.91
CA LEU B 211 2.93 28.89 19.29
C LEU B 211 3.36 27.51 18.79
N PHE B 212 4.16 27.49 17.74
CA PHE B 212 4.63 26.24 17.15
C PHE B 212 6.12 26.32 16.89
N VAL B 213 6.70 25.20 16.49
CA VAL B 213 8.14 25.08 16.27
C VAL B 213 8.37 24.41 14.93
N SER B 214 9.36 24.88 14.19
CA SER B 214 9.65 24.37 12.85
C SER B 214 11.13 24.02 12.76
N GLY B 215 11.44 22.97 12.00
CA GLY B 215 12.81 22.58 11.74
C GLY B 215 13.08 22.55 10.24
N ALA B 216 14.26 22.99 9.85
CA ALA B 216 14.59 23.23 8.44
C ALA B 216 15.95 22.61 8.09
N CYS B 217 16.32 22.74 6.83
CA CYS B 217 17.54 22.17 6.29
C CYS B 217 18.78 23.01 6.60
N ASP B 218 18.61 24.19 7.19
CA ASP B 218 19.73 24.96 7.69
C ASP B 218 20.20 24.45 9.05
N ALA B 219 19.77 23.27 9.46
CA ALA B 219 20.20 22.64 10.71
C ALA B 219 19.81 23.47 11.92
N SER B 220 18.70 24.19 11.83
CA SER B 220 18.21 25.01 12.93
C SER B 220 16.71 24.80 13.10
N ALA B 221 16.24 25.09 14.31
CA ALA B 221 14.82 25.07 14.64
C ALA B 221 14.43 26.46 15.09
N LYS B 222 13.23 26.90 14.72
CA LYS B 222 12.75 28.22 15.08
C LYS B 222 11.38 28.11 15.75
N LEU B 223 11.19 28.92 16.80
CA LEU B 223 9.93 28.95 17.52
C LEU B 223 9.11 30.16 17.08
N TRP B 224 7.93 29.89 16.53
CA TRP B 224 7.08 30.90 15.93
C TRP B 224 5.87 31.15 16.83
N ASP B 225 5.53 32.43 17.02
CA ASP B 225 4.31 32.83 17.69
C ASP B 225 3.21 33.01 16.63
N VAL B 226 2.11 32.28 16.80
CA VAL B 226 1.10 32.21 15.74
C VAL B 226 0.50 33.59 15.49
N ARG B 227 0.17 34.31 16.57
CA ARG B 227 -0.47 35.62 16.41
C ARG B 227 0.52 36.65 15.89
N GLU B 228 1.61 36.87 16.63
CA GLU B 228 2.57 37.91 16.26
C GLU B 228 3.15 37.65 14.87
N GLY B 229 3.46 36.39 14.56
CA GLY B 229 4.01 36.06 13.26
C GLY B 229 5.51 36.19 13.16
N MET B 230 6.23 36.17 14.28
CA MET B 230 7.68 36.34 14.27
C MET B 230 8.32 35.24 15.09
N CYS B 231 9.51 34.83 14.67
CA CYS B 231 10.28 33.85 15.42
C CYS B 231 10.72 34.44 16.75
N ARG B 232 10.55 33.68 17.83
CA ARG B 232 10.93 34.16 19.15
C ARG B 232 12.30 33.62 19.57
N GLN B 233 12.61 32.38 19.21
CA GLN B 233 13.88 31.77 19.57
C GLN B 233 14.37 30.88 18.43
N THR B 234 15.70 30.73 18.36
CA THR B 234 16.34 29.88 17.39
C THR B 234 17.28 28.92 18.11
N PHE B 235 17.29 27.66 17.67
CA PHE B 235 18.10 26.61 18.26
C PHE B 235 18.94 25.96 17.18
N THR B 236 20.26 25.94 17.40
CA THR B 236 21.22 25.46 16.41
C THR B 236 22.18 24.46 17.09
N GLY B 237 21.85 23.18 16.99
CA GLY B 237 22.72 22.14 17.50
C GLY B 237 23.06 21.07 16.49
N HIS B 238 22.24 20.93 15.45
CA HIS B 238 22.39 19.83 14.52
C HIS B 238 23.45 20.15 13.45
N GLU B 239 23.91 19.10 12.77
CA GLU B 239 25.02 19.24 11.84
C GLU B 239 24.54 19.32 10.39
N SER B 240 23.60 18.46 10.00
CA SER B 240 23.26 18.29 8.59
C SER B 240 21.91 18.88 8.25
N ASP B 241 20.83 18.43 8.91
CA ASP B 241 19.49 18.90 8.60
C ASP B 241 18.59 18.73 9.81
N ILE B 242 17.30 18.95 9.65
CA ILE B 242 16.30 18.62 10.66
C ILE B 242 15.09 18.06 9.95
N ASN B 243 14.83 16.78 10.12
CA ASN B 243 13.75 16.12 9.41
C ASN B 243 12.47 16.00 10.23
N ALA B 244 12.57 15.96 11.55
CA ALA B 244 11.39 15.78 12.39
C ALA B 244 11.50 16.64 13.63
N ILE B 245 10.35 17.00 14.19
CA ILE B 245 10.30 17.85 15.38
C ILE B 245 8.99 17.57 16.12
N CYS B 246 9.04 17.55 17.45
CA CYS B 246 7.86 17.28 18.25
C CYS B 246 7.99 17.92 19.63
N PHE B 247 6.95 18.63 20.07
CA PHE B 247 6.94 19.19 21.41
C PHE B 247 6.91 18.12 22.49
N PHE B 248 7.59 18.40 23.59
CA PHE B 248 7.45 17.65 24.82
C PHE B 248 6.05 17.87 25.39
N PRO B 249 5.48 16.87 26.07
CA PRO B 249 4.04 16.95 26.38
C PRO B 249 3.60 18.23 27.07
N ASN B 250 4.38 18.78 28.00
CA ASN B 250 3.90 19.95 28.73
C ASN B 250 4.01 21.22 27.87
N GLY B 251 4.83 21.20 26.83
CA GLY B 251 4.98 22.33 25.94
C GLY B 251 6.16 23.22 26.22
N ASN B 252 7.03 22.86 27.16
CA ASN B 252 8.20 23.67 27.49
C ASN B 252 9.48 23.15 26.85
N ALA B 253 9.42 22.06 26.10
CA ALA B 253 10.58 21.49 25.44
C ALA B 253 10.14 20.80 24.16
N PHE B 254 11.09 20.54 23.28
CA PHE B 254 10.80 19.85 22.03
C PHE B 254 12.02 19.05 21.58
N ALA B 255 11.77 17.93 20.93
CA ALA B 255 12.83 17.08 20.41
C ALA B 255 12.91 17.20 18.90
N THR B 256 14.13 17.14 18.38
CA THR B 256 14.43 17.32 16.97
C THR B 256 15.21 16.11 16.46
N GLY B 257 14.86 15.64 15.28
CA GLY B 257 15.54 14.53 14.64
C GLY B 257 16.09 14.93 13.28
N SER B 258 17.39 14.67 13.08
CA SER B 258 18.15 15.24 11.99
C SER B 258 18.80 14.14 11.15
N ASP B 259 19.47 14.57 10.08
CA ASP B 259 20.23 13.67 9.22
C ASP B 259 21.60 13.31 9.79
N ASP B 260 22.04 13.97 10.86
CA ASP B 260 23.32 13.66 11.49
C ASP B 260 23.23 12.46 12.42
N ALA B 261 22.13 11.71 12.36
CA ALA B 261 21.97 10.47 13.12
C ALA B 261 21.90 10.71 14.62
N THR B 262 21.41 11.87 15.03
CA THR B 262 21.22 12.19 16.44
C THR B 262 19.89 12.90 16.63
N CYS B 263 19.29 12.68 17.80
CA CYS B 263 18.13 13.46 18.23
C CYS B 263 18.61 14.43 19.29
N ARG B 264 17.91 15.54 19.44
CA ARG B 264 18.29 16.54 20.44
C ARG B 264 17.05 17.04 21.17
N LEU B 265 17.24 17.42 22.43
CA LEU B 265 16.17 17.98 23.25
C LEU B 265 16.49 19.44 23.54
N PHE B 266 15.57 20.33 23.18
CA PHE B 266 15.74 21.76 23.37
C PHE B 266 14.67 22.27 24.33
N ASP B 267 15.10 23.05 25.31
CA ASP B 267 14.19 23.69 26.26
C ASP B 267 13.98 25.14 25.85
N LEU B 268 12.71 25.53 25.67
CA LEU B 268 12.40 26.89 25.23
C LEU B 268 12.90 27.92 26.22
N ARG B 269 12.55 27.77 27.50
CA ARG B 269 12.90 28.78 28.49
C ARG B 269 14.41 28.86 28.70
N ALA B 270 15.08 27.72 28.81
CA ALA B 270 16.53 27.74 28.93
C ALA B 270 17.18 28.21 27.63
N ASP B 271 16.51 28.00 26.50
CA ASP B 271 16.94 28.53 25.21
C ASP B 271 18.27 27.91 24.77
N GLN B 272 18.35 26.59 24.88
CA GLN B 272 19.54 25.87 24.40
C GLN B 272 19.26 24.38 24.46
N GLU B 273 20.20 23.61 23.92
CA GLU B 273 20.08 22.16 23.89
C GLU B 273 20.26 21.60 25.30
N LEU B 274 19.46 20.59 25.65
CA LEU B 274 19.56 19.96 26.96
C LEU B 274 20.32 18.65 26.89
N MET B 275 20.00 17.81 25.93
CA MET B 275 20.58 16.48 25.85
C MET B 275 20.51 15.95 24.43
N THR B 276 21.42 15.02 24.13
CA THR B 276 21.55 14.43 22.81
C THR B 276 21.34 12.93 22.90
N TYR B 277 20.72 12.35 21.86
CA TYR B 277 20.39 10.94 21.81
C TYR B 277 21.03 10.37 20.55
N SER B 278 22.13 9.64 20.72
CA SER B 278 22.87 9.10 19.59
C SER B 278 23.70 7.91 20.07
N HIS B 279 24.04 7.05 19.11
CA HIS B 279 24.89 5.89 19.40
C HIS B 279 25.84 5.67 18.22
N ASP B 280 27.00 5.09 18.53
CA ASP B 280 28.02 4.89 17.51
C ASP B 280 27.56 3.90 16.44
N ASN B 281 26.86 2.84 16.86
CA ASN B 281 26.50 1.80 15.90
C ASN B 281 25.35 2.22 14.99
N ILE B 282 24.73 3.36 15.26
CA ILE B 282 23.66 3.88 14.43
C ILE B 282 24.14 5.18 13.80
N ILE B 283 24.17 5.21 12.47
CA ILE B 283 24.76 6.31 11.72
C ILE B 283 23.83 6.89 10.67
N CYS B 284 22.61 6.37 10.55
CA CYS B 284 21.70 6.78 9.50
C CYS B 284 20.83 7.94 9.97
N GLY B 285 20.00 8.43 9.05
CA GLY B 285 19.17 9.58 9.33
C GLY B 285 17.93 9.25 10.13
N ILE B 286 17.41 10.27 10.80
CA ILE B 286 16.22 10.16 11.63
C ILE B 286 15.06 10.79 10.86
N THR B 287 14.05 9.98 10.55
CA THR B 287 12.93 10.44 9.73
C THR B 287 11.82 11.05 10.56
N SER B 288 11.59 10.52 11.77
CA SER B 288 10.45 10.93 12.57
C SER B 288 10.81 10.80 14.04
N VAL B 289 10.15 11.61 14.87
CA VAL B 289 10.31 11.57 16.32
C VAL B 289 8.94 11.75 16.97
N SER B 290 8.86 11.34 18.23
CA SER B 290 7.62 11.49 19.00
C SER B 290 7.92 11.20 20.46
N PHE B 291 6.98 11.59 21.32
CA PHE B 291 7.07 11.36 22.75
C PHE B 291 5.93 10.46 23.20
N SER B 292 6.14 9.77 24.31
CA SER B 292 5.05 9.07 24.98
C SER B 292 4.25 10.07 25.82
N LYS B 293 3.11 9.62 26.33
CA LYS B 293 2.21 10.53 27.04
C LYS B 293 2.91 11.16 28.24
N SER B 294 3.67 10.35 28.99
CA SER B 294 4.43 10.90 30.11
C SER B 294 5.59 11.76 29.65
N GLY B 295 6.06 11.56 28.42
CA GLY B 295 7.26 12.21 27.94
C GLY B 295 8.55 11.54 28.38
N ARG B 296 8.47 10.34 28.98
CA ARG B 296 9.68 9.64 29.41
C ARG B 296 10.33 8.91 28.25
N LEU B 297 9.56 8.54 27.23
CA LEU B 297 10.07 7.78 26.10
C LEU B 297 10.05 8.64 24.84
N LEU B 298 11.19 8.72 24.18
CA LEU B 298 11.32 9.42 22.90
C LEU B 298 11.46 8.36 21.81
N LEU B 299 10.48 8.29 20.93
CA LEU B 299 10.47 7.29 19.87
C LEU B 299 10.94 7.95 18.58
N ALA B 300 11.97 7.38 17.95
CA ALA B 300 12.55 7.95 16.75
C ALA B 300 12.59 6.90 15.66
N GLY B 301 12.09 7.25 14.47
CA GLY B 301 12.17 6.37 13.32
C GLY B 301 13.44 6.61 12.54
N TYR B 302 14.07 5.55 12.05
CA TYR B 302 15.38 5.66 11.43
C TYR B 302 15.35 5.12 10.00
N ASP B 303 16.41 5.41 9.26
CA ASP B 303 16.59 4.89 7.91
C ASP B 303 17.08 3.44 7.92
N ASP B 304 17.58 2.97 9.05
CA ASP B 304 18.01 1.57 9.19
C ASP B 304 16.84 0.64 9.45
N PHE B 305 15.61 1.08 9.17
CA PHE B 305 14.40 0.27 9.18
C PHE B 305 13.85 0.02 10.58
N ASN B 306 14.48 0.55 11.62
CA ASN B 306 14.07 0.32 13.00
C ASN B 306 13.58 1.61 13.63
N CYS B 307 12.80 1.48 14.69
CA CYS B 307 12.45 2.59 15.56
C CYS B 307 13.17 2.39 16.88
N ASN B 308 13.84 3.42 17.37
CA ASN B 308 14.52 3.36 18.65
C ASN B 308 13.71 4.10 19.70
N VAL B 309 13.49 3.43 20.83
CA VAL B 309 12.80 4.00 21.98
C VAL B 309 13.88 4.40 22.97
N TRP B 310 14.01 5.70 23.21
CA TRP B 310 15.04 6.29 24.03
C TRP B 310 14.45 6.71 25.37
N ASP B 311 15.23 6.55 26.43
CA ASP B 311 14.90 7.11 27.72
C ASP B 311 15.15 8.61 27.66
N ALA B 312 14.07 9.39 27.52
CA ALA B 312 14.20 10.82 27.26
C ALA B 312 15.04 11.50 28.33
N LEU B 313 14.98 11.01 29.56
CA LEU B 313 15.71 11.65 30.65
C LEU B 313 17.14 11.11 30.75
N LYS B 314 17.31 9.80 30.54
CA LYS B 314 18.62 9.18 30.67
C LYS B 314 19.40 9.16 29.37
N ALA B 315 18.74 9.32 28.22
CA ALA B 315 19.39 9.26 26.92
C ALA B 315 20.04 7.90 26.69
N ASP B 316 19.35 6.84 27.08
CA ASP B 316 19.79 5.48 26.83
C ASP B 316 18.73 4.76 26.01
N ARG B 317 19.18 3.91 25.09
CA ARG B 317 18.25 3.14 24.28
C ARG B 317 17.43 2.23 25.21
N ALA B 318 16.15 2.57 25.38
CA ALA B 318 15.27 1.78 26.22
C ALA B 318 14.65 0.60 25.49
N GLY B 319 14.59 0.65 24.17
CA GLY B 319 14.04 -0.46 23.41
C GLY B 319 14.13 -0.23 21.93
N VAL B 320 13.70 -1.23 21.17
CA VAL B 320 13.72 -1.19 19.72
C VAL B 320 12.40 -1.75 19.20
N LEU B 321 11.91 -1.17 18.10
CA LEU B 321 10.74 -1.67 17.38
C LEU B 321 11.25 -2.04 15.98
N ALA B 322 11.35 -3.33 15.73
CA ALA B 322 11.79 -3.86 14.44
C ALA B 322 10.69 -4.71 13.83
N GLY B 323 10.66 -4.75 12.51
CA GLY B 323 9.57 -5.41 11.81
C GLY B 323 9.20 -4.76 10.50
N HIS B 324 9.79 -3.60 10.23
CA HIS B 324 9.64 -2.95 8.93
C HIS B 324 10.82 -3.28 8.05
N ASP B 325 10.53 -3.64 6.80
CA ASP B 325 11.55 -4.04 5.85
C ASP B 325 12.17 -2.88 5.09
N ASN B 326 11.70 -1.64 5.34
CA ASN B 326 12.22 -0.47 4.64
C ASN B 326 12.23 0.69 5.61
N ARG B 327 12.52 1.87 5.09
CA ARG B 327 12.66 3.07 5.92
C ARG B 327 11.37 3.34 6.70
N VAL B 328 11.53 3.69 7.97
CA VAL B 328 10.42 4.13 8.81
C VAL B 328 10.20 5.61 8.51
N SER B 329 9.15 5.91 7.73
CA SER B 329 8.95 7.29 7.29
C SER B 329 8.23 8.11 8.34
N CYS B 330 7.27 7.53 9.06
CA CYS B 330 6.45 8.29 9.99
C CYS B 330 6.17 7.47 11.23
N LEU B 331 5.94 8.17 12.34
CA LEU B 331 5.51 7.50 13.56
C LEU B 331 4.74 8.48 14.43
N GLY B 332 3.71 7.98 15.11
CA GLY B 332 2.88 8.81 15.97
C GLY B 332 2.27 8.08 17.15
N VAL B 333 2.21 8.74 18.30
CA VAL B 333 1.63 8.17 19.50
C VAL B 333 0.22 8.73 19.69
N THR B 334 -0.70 7.90 20.18
CA THR B 334 -2.05 8.34 20.46
C THR B 334 -2.07 9.35 21.60
N ASP B 335 -3.12 10.17 21.63
CA ASP B 335 -3.23 11.18 22.68
C ASP B 335 -3.39 10.55 24.05
N ASP B 336 -4.13 9.44 24.13
CA ASP B 336 -4.18 8.69 25.38
C ASP B 336 -2.86 7.98 25.67
N GLY B 337 -1.96 7.91 24.68
CA GLY B 337 -0.67 7.28 24.86
C GLY B 337 -0.70 5.77 24.85
N MET B 338 -1.82 5.16 24.44
CA MET B 338 -1.97 3.72 24.62
C MET B 338 -1.13 2.94 23.62
N ALA B 339 -1.02 3.42 22.39
CA ALA B 339 -0.33 2.70 21.33
C ALA B 339 0.57 3.63 20.56
N VAL B 340 1.44 3.03 19.73
CA VAL B 340 2.29 3.76 18.80
C VAL B 340 1.97 3.23 17.41
N ALA B 341 2.06 4.10 16.41
CA ALA B 341 1.87 3.70 15.03
C ALA B 341 3.11 4.08 14.23
N THR B 342 3.62 3.12 13.45
CA THR B 342 4.77 3.35 12.57
C THR B 342 4.39 3.05 11.13
N GLY B 343 4.62 4.01 10.25
CA GLY B 343 4.47 3.81 8.83
C GLY B 343 5.81 3.87 8.13
N SER B 344 6.00 2.98 7.15
CA SER B 344 7.31 2.74 6.55
C SER B 344 7.19 2.79 5.03
N TRP B 345 8.36 2.84 4.39
CA TRP B 345 8.45 2.82 2.93
C TRP B 345 8.04 1.48 2.33
N ASP B 346 7.88 0.44 3.15
CA ASP B 346 7.45 -0.87 2.68
C ASP B 346 5.93 -0.98 2.54
N SER B 347 5.21 0.14 2.67
CA SER B 347 3.77 0.21 2.43
C SER B 347 2.94 -0.41 3.55
N PHE B 348 3.48 -0.47 4.77
CA PHE B 348 2.77 -1.06 5.90
C PHE B 348 2.75 -0.10 7.07
N LEU B 349 1.62 -0.06 7.76
CA LEU B 349 1.50 0.60 9.06
C LEU B 349 1.38 -0.46 10.13
N LYS B 350 2.08 -0.28 11.24
CA LYS B 350 2.06 -1.23 12.33
C LYS B 350 1.76 -0.51 13.64
N ILE B 351 0.88 -1.11 14.44
CA ILE B 351 0.54 -0.60 15.76
C ILE B 351 1.35 -1.39 16.78
N TRP B 352 1.99 -0.68 17.70
CA TRP B 352 2.91 -1.26 18.67
C TRP B 352 2.39 -0.94 20.06
N ASN B 353 2.48 -1.92 20.96
CA ASN B 353 2.00 -1.73 22.32
C ASN B 353 2.73 -2.64 23.30
N ILE C 9 21.55 45.88 2.42
CA ILE C 9 21.17 46.98 3.29
C ILE C 9 19.94 46.59 4.11
N ALA C 10 18.84 46.33 3.41
CA ALA C 10 17.60 45.94 4.08
C ALA C 10 17.78 44.61 4.81
N GLN C 11 18.49 43.66 4.19
CA GLN C 11 18.70 42.37 4.82
C GLN C 11 19.45 42.52 6.14
N ALA C 12 20.49 43.37 6.16
CA ALA C 12 21.24 43.59 7.39
C ALA C 12 20.35 44.16 8.48
N ARG C 13 19.53 45.16 8.13
CA ARG C 13 18.64 45.76 9.11
C ARG C 13 17.67 44.72 9.66
N LYS C 14 17.06 43.92 8.77
CA LYS C 14 16.11 42.90 9.22
C LYS C 14 16.77 41.90 10.16
N LEU C 15 17.92 41.36 9.74
CA LEU C 15 18.60 40.35 10.56
C LEU C 15 19.02 40.91 11.91
N VAL C 16 19.61 42.11 11.91
CA VAL C 16 20.06 42.69 13.17
C VAL C 16 18.89 42.98 14.09
N GLU C 17 17.80 43.53 13.56
CA GLU C 17 16.64 43.83 14.39
C GLU C 17 16.05 42.57 14.99
N GLN C 18 15.89 41.52 14.17
CA GLN C 18 15.30 40.29 14.69
C GLN C 18 16.22 39.63 15.70
N LEU C 19 17.53 39.66 15.46
CA LEU C 19 18.48 39.06 16.40
C LEU C 19 18.47 39.82 17.72
N LYS C 20 18.33 41.15 17.67
CA LYS C 20 18.20 41.91 18.90
C LYS C 20 16.93 41.53 19.66
N MET C 21 15.81 41.38 18.95
CA MET C 21 14.58 40.95 19.59
C MET C 21 14.76 39.60 20.28
N GLU C 22 15.48 38.68 19.62
CA GLU C 22 15.73 37.38 20.22
C GLU C 22 16.77 37.47 21.35
N ALA C 23 17.53 38.56 21.38
CA ALA C 23 18.62 38.68 22.35
C ALA C 23 18.08 38.92 23.76
N ASN C 24 17.36 40.03 23.96
CA ASN C 24 16.84 40.40 25.27
C ASN C 24 15.59 39.56 25.55
N ILE C 25 15.79 38.49 26.31
CA ILE C 25 14.72 37.57 26.67
C ILE C 25 15.05 36.92 28.01
N ASP C 26 14.03 36.75 28.84
CA ASP C 26 14.21 36.13 30.14
C ASP C 26 14.54 34.64 29.97
N ARG C 27 15.52 34.16 30.73
CA ARG C 27 15.96 32.78 30.67
C ARG C 27 16.15 32.24 32.07
N ILE C 28 15.59 31.05 32.33
CA ILE C 28 15.74 30.40 33.62
C ILE C 28 16.96 29.48 33.57
N LYS C 29 17.47 29.11 34.73
CA LYS C 29 18.66 28.27 34.79
C LYS C 29 18.38 26.90 34.19
N VAL C 30 19.41 26.29 33.58
CA VAL C 30 19.21 25.02 32.89
C VAL C 30 18.83 23.92 33.86
N SER C 31 19.42 23.94 35.06
CA SER C 31 19.06 22.95 36.07
C SER C 31 17.58 23.02 36.40
N LYS C 32 17.02 24.23 36.42
CA LYS C 32 15.58 24.37 36.66
C LYS C 32 14.77 23.69 35.56
N ALA C 33 15.18 23.86 34.31
CA ALA C 33 14.47 23.20 33.21
C ALA C 33 14.57 21.69 33.33
N ALA C 34 15.75 21.18 33.67
CA ALA C 34 15.92 19.74 33.85
C ALA C 34 15.02 19.22 34.95
N ALA C 35 14.98 19.93 36.08
CA ALA C 35 14.12 19.52 37.18
C ALA C 35 12.65 19.56 36.78
N ASP C 36 12.25 20.58 36.01
CA ASP C 36 10.87 20.67 35.58
C ASP C 36 10.49 19.50 34.68
N LEU C 37 11.36 19.16 33.72
CA LEU C 37 11.08 18.01 32.86
C LEU C 37 11.00 16.73 33.66
N MET C 38 11.92 16.53 34.60
CA MET C 38 11.90 15.31 35.41
C MET C 38 10.63 15.24 36.25
N ALA C 39 10.23 16.38 36.84
CA ALA C 39 9.03 16.40 37.67
C ALA C 39 7.79 16.08 36.85
N TYR C 40 7.68 16.66 35.65
CA TYR C 40 6.54 16.33 34.80
C TYR C 40 6.55 14.86 34.43
N CYS C 41 7.71 14.30 34.08
CA CYS C 41 7.78 12.89 33.73
C CYS C 41 7.32 12.02 34.90
N GLU C 42 7.76 12.34 36.11
CA GLU C 42 7.40 11.53 37.26
C GLU C 42 5.91 11.65 37.59
N ALA C 43 5.39 12.87 37.55
CA ALA C 43 4.01 13.10 37.97
C ALA C 43 3.02 12.34 37.10
N HIS C 44 3.35 12.15 35.82
CA HIS C 44 2.47 11.50 34.86
C HIS C 44 2.90 10.08 34.51
N ALA C 45 3.76 9.47 35.32
CA ALA C 45 4.30 8.16 34.97
C ALA C 45 3.21 7.10 34.92
N LYS C 46 2.30 7.11 35.89
CA LYS C 46 1.29 6.06 35.97
C LYS C 46 0.32 6.12 34.79
N GLU C 47 0.06 7.32 34.28
CA GLU C 47 -0.91 7.47 33.20
C GLU C 47 -0.38 6.93 31.89
N ASP C 48 0.93 6.74 31.78
CA ASP C 48 1.54 6.32 30.52
C ASP C 48 1.38 4.82 30.32
N PRO C 49 0.68 4.38 29.26
CA PRO C 49 0.56 2.92 29.05
C PRO C 49 1.80 2.29 28.45
N LEU C 50 2.65 3.09 27.77
CA LEU C 50 3.78 2.51 27.06
C LEU C 50 4.93 2.17 28.01
N LEU C 51 5.05 2.90 29.13
CA LEU C 51 6.14 2.66 30.06
C LEU C 51 6.06 1.25 30.65
N THR C 52 4.85 0.80 30.96
CA THR C 52 4.63 -0.49 31.59
C THR C 52 3.69 -1.33 30.71
N PRO C 53 4.00 -2.60 30.43
CA PRO C 53 3.03 -3.43 29.69
C PRO C 53 1.69 -3.42 30.39
N VAL C 54 0.66 -2.99 29.67
CA VAL C 54 -0.68 -2.84 30.24
C VAL C 54 -1.32 -4.21 30.34
N PRO C 55 -2.16 -4.46 31.34
CA PRO C 55 -2.88 -5.74 31.39
C PRO C 55 -3.74 -5.92 30.15
N ALA C 56 -3.86 -7.18 29.71
CA ALA C 56 -4.51 -7.46 28.44
C ALA C 56 -5.95 -6.95 28.43
N SER C 57 -6.68 -7.13 29.53
CA SER C 57 -8.10 -6.80 29.53
C SER C 57 -8.33 -5.32 29.21
N GLU C 58 -7.56 -4.43 29.84
CA GLU C 58 -7.74 -3.00 29.60
C GLU C 58 -7.10 -2.56 28.30
N ASN C 59 -6.28 -3.41 27.68
CA ASN C 59 -5.62 -3.04 26.44
C ASN C 59 -6.61 -3.14 25.27
N PRO C 60 -6.95 -2.03 24.60
CA PRO C 60 -7.89 -2.13 23.48
C PRO C 60 -7.33 -2.88 22.28
N PHE C 61 -6.02 -3.05 22.18
CA PHE C 61 -5.40 -3.71 21.05
C PHE C 61 -5.05 -5.16 21.44
N ARG C 62 -5.89 -6.10 21.01
CA ARG C 62 -5.71 -7.50 21.31
C ARG C 62 -5.91 -8.33 20.05
N GLU C 63 -5.70 -9.64 20.18
CA GLU C 63 -5.89 -10.54 19.07
C GLU C 63 -7.37 -10.67 18.73
N LYS C 64 -7.65 -11.10 17.51
CA LYS C 64 -9.03 -11.35 17.08
C LYS C 64 -9.26 -12.85 16.90
N VAL D 2 -29.97 15.73 -0.88
CA VAL D 2 -30.36 14.32 -0.75
C VAL D 2 -31.86 14.21 -0.96
N GLN D 3 -32.26 13.25 -1.79
CA GLN D 3 -33.67 13.08 -2.13
C GLN D 3 -33.92 11.63 -2.52
N LEU D 4 -34.93 11.03 -1.91
CA LEU D 4 -35.40 9.69 -2.25
C LEU D 4 -36.88 9.79 -2.58
N VAL D 5 -37.23 9.40 -3.80
CA VAL D 5 -38.60 9.51 -4.30
C VAL D 5 -39.09 8.12 -4.66
N GLU D 6 -40.15 7.67 -4.01
CA GLU D 6 -40.73 6.35 -4.23
C GLU D 6 -41.88 6.45 -5.23
N SER D 7 -42.09 5.35 -5.96
CA SER D 7 -43.18 5.25 -6.93
C SER D 7 -43.49 3.79 -7.15
N GLY D 8 -44.67 3.53 -7.72
CA GLY D 8 -45.15 2.19 -7.94
C GLY D 8 -46.25 1.74 -7.01
N GLY D 9 -46.98 2.66 -6.38
CA GLY D 9 -48.03 2.30 -5.47
C GLY D 9 -49.36 2.06 -6.17
N GLY D 10 -50.46 2.23 -5.43
CA GLY D 10 -51.79 2.06 -5.97
C GLY D 10 -52.41 0.74 -5.53
N LEU D 11 -53.70 0.60 -5.87
CA LEU D 11 -54.45 -0.59 -5.51
C LEU D 11 -53.96 -1.80 -6.30
N VAL D 12 -54.01 -2.97 -5.65
CA VAL D 12 -53.57 -4.21 -6.26
C VAL D 12 -54.53 -5.32 -5.86
N GLN D 13 -54.71 -6.29 -6.75
CA GLN D 13 -55.50 -7.46 -6.43
C GLN D 13 -54.69 -8.44 -5.58
N PRO D 14 -55.30 -9.05 -4.57
CA PRO D 14 -54.54 -10.03 -3.77
C PRO D 14 -54.07 -11.19 -4.63
N GLY D 15 -52.87 -11.68 -4.31
CA GLY D 15 -52.24 -12.72 -5.09
C GLY D 15 -51.52 -12.23 -6.32
N GLY D 16 -51.53 -10.93 -6.58
CA GLY D 16 -50.84 -10.37 -7.72
C GLY D 16 -49.40 -10.02 -7.40
N SER D 17 -48.89 -9.03 -8.12
CA SER D 17 -47.50 -8.59 -7.95
C SER D 17 -47.38 -7.12 -8.35
N ARG D 18 -46.31 -6.50 -7.87
CA ARG D 18 -45.97 -5.14 -8.28
C ARG D 18 -44.54 -4.82 -7.85
N LYS D 19 -43.95 -3.83 -8.52
CA LYS D 19 -42.53 -3.50 -8.37
C LYS D 19 -42.41 -2.04 -7.96
N LEU D 20 -42.08 -1.81 -6.69
CA LEU D 20 -41.82 -0.47 -6.19
C LEU D 20 -40.43 -0.03 -6.60
N SER D 21 -40.30 1.25 -6.96
CA SER D 21 -39.03 1.81 -7.39
C SER D 21 -38.78 3.12 -6.67
N CYS D 22 -37.58 3.27 -6.12
CA CYS D 22 -37.16 4.50 -5.45
C CYS D 22 -35.96 5.07 -6.19
N SER D 23 -36.08 6.33 -6.62
CA SER D 23 -35.01 7.02 -7.32
C SER D 23 -34.25 7.93 -6.35
N ALA D 24 -32.94 7.72 -6.28
CA ALA D 24 -32.08 8.46 -5.38
C ALA D 24 -31.33 9.54 -6.14
N SER D 25 -31.33 10.75 -5.59
CA SER D 25 -30.61 11.87 -6.19
C SER D 25 -29.96 12.70 -5.10
N GLY D 26 -28.88 13.39 -5.45
CA GLY D 26 -28.24 14.29 -4.52
C GLY D 26 -27.29 13.67 -3.53
N PHE D 27 -26.96 12.39 -3.69
CA PHE D 27 -25.98 11.75 -2.82
C PHE D 27 -25.43 10.51 -3.51
N ALA D 28 -24.32 10.01 -2.97
CA ALA D 28 -23.61 8.87 -3.54
C ALA D 28 -24.39 7.60 -3.23
N PHE D 29 -25.32 7.24 -4.11
CA PHE D 29 -26.22 6.12 -3.85
C PHE D 29 -25.46 4.82 -3.66
N SER D 30 -24.46 4.54 -4.50
CA SER D 30 -23.80 3.24 -4.48
C SER D 30 -23.03 2.97 -3.19
N SER D 31 -22.71 4.01 -2.41
CA SER D 31 -21.98 3.85 -1.17
C SER D 31 -22.88 3.67 0.04
N PHE D 32 -24.20 3.64 -0.15
CA PHE D 32 -25.16 3.50 0.93
C PHE D 32 -25.88 2.16 0.84
N GLY D 33 -25.97 1.47 1.97
CA GLY D 33 -26.93 0.40 2.09
C GLY D 33 -28.35 0.95 2.17
N MET D 34 -29.32 0.13 1.78
CA MET D 34 -30.69 0.61 1.62
C MET D 34 -31.65 -0.32 2.34
N HIS D 35 -32.73 0.26 2.86
CA HIS D 35 -33.75 -0.45 3.63
C HIS D 35 -35.13 -0.09 3.10
N TRP D 36 -36.05 -1.05 3.19
CA TRP D 36 -37.47 -0.79 2.99
C TRP D 36 -38.18 -0.95 4.32
N VAL D 37 -38.97 0.06 4.70
CA VAL D 37 -39.73 0.05 5.95
C VAL D 37 -41.18 0.33 5.63
N ARG D 38 -42.07 -0.57 6.03
CA ARG D 38 -43.49 -0.42 5.77
C ARG D 38 -44.19 0.14 7.01
N GLN D 39 -45.34 0.78 6.78
CA GLN D 39 -46.18 1.29 7.85
C GLN D 39 -47.63 1.09 7.46
N ALA D 40 -48.35 0.26 8.21
CA ALA D 40 -49.74 0.02 7.92
C ALA D 40 -50.56 1.27 8.22
N PRO D 41 -51.77 1.36 7.66
CA PRO D 41 -52.50 2.64 7.71
C PRO D 41 -52.66 3.23 9.10
N GLU D 42 -52.89 2.40 10.11
CA GLU D 42 -53.16 2.88 11.47
C GLU D 42 -52.23 2.25 12.50
N LYS D 43 -51.05 1.80 12.08
CA LYS D 43 -50.12 1.11 12.97
C LYS D 43 -48.73 1.69 12.81
N GLY D 44 -47.76 1.06 13.45
CA GLY D 44 -46.41 1.57 13.50
C GLY D 44 -45.53 1.05 12.36
N LEU D 45 -44.25 1.34 12.48
CA LEU D 45 -43.28 0.99 11.45
C LEU D 45 -42.88 -0.47 11.54
N GLU D 46 -42.45 -1.02 10.41
CA GLU D 46 -42.01 -2.41 10.34
C GLU D 46 -40.95 -2.54 9.24
N TRP D 47 -39.75 -2.94 9.64
CA TRP D 47 -38.67 -3.18 8.69
C TRP D 47 -39.05 -4.33 7.75
N VAL D 48 -38.71 -4.17 6.48
CA VAL D 48 -39.09 -5.12 5.43
C VAL D 48 -37.87 -5.84 4.87
N ALA D 49 -36.93 -5.11 4.28
CA ALA D 49 -35.80 -5.73 3.61
C ALA D 49 -34.62 -4.77 3.64
N TYR D 50 -33.43 -5.34 3.45
CA TYR D 50 -32.19 -4.60 3.47
C TYR D 50 -31.25 -5.14 2.40
N ILE D 51 -30.68 -4.24 1.60
CA ILE D 51 -29.65 -4.59 0.63
C ILE D 51 -28.43 -3.72 0.89
N SER D 52 -27.29 -4.37 1.10
CA SER D 52 -26.06 -3.66 1.43
C SER D 52 -25.46 -3.01 0.20
N SER D 53 -24.56 -2.06 0.43
CA SER D 53 -23.83 -1.44 -0.67
C SER D 53 -22.94 -2.47 -1.35
N GLY D 54 -23.04 -2.54 -2.68
CA GLY D 54 -22.40 -3.61 -3.42
C GLY D 54 -23.22 -4.87 -3.55
N SER D 55 -24.42 -4.90 -2.98
CA SER D 55 -25.33 -6.04 -3.09
C SER D 55 -24.75 -7.30 -2.45
N GLY D 56 -23.76 -7.13 -1.58
CA GLY D 56 -23.10 -8.26 -0.96
C GLY D 56 -23.98 -9.05 -0.02
N THR D 57 -24.78 -8.36 0.80
CA THR D 57 -25.64 -9.00 1.77
C THR D 57 -27.06 -8.50 1.60
N ILE D 58 -28.01 -9.42 1.74
CA ILE D 58 -29.43 -9.10 1.65
C ILE D 58 -30.14 -9.76 2.82
N TYR D 59 -31.07 -9.04 3.43
CA TYR D 59 -31.87 -9.55 4.54
C TYR D 59 -33.33 -9.21 4.31
N TYR D 60 -34.21 -10.05 4.83
CA TYR D 60 -35.66 -9.88 4.71
C TYR D 60 -36.31 -10.10 6.06
N ALA D 61 -37.45 -9.45 6.25
CA ALA D 61 -38.30 -9.78 7.39
C ALA D 61 -38.93 -11.15 7.19
N ASP D 62 -39.10 -11.88 8.29
CA ASP D 62 -39.62 -13.23 8.21
C ASP D 62 -40.98 -13.28 7.52
N THR D 63 -41.75 -12.19 7.58
CA THR D 63 -43.09 -12.19 7.01
C THR D 63 -43.09 -11.99 5.50
N VAL D 64 -41.94 -11.74 4.88
CA VAL D 64 -41.88 -11.48 3.45
C VAL D 64 -40.81 -12.33 2.78
N LYS D 65 -40.06 -13.14 3.53
CA LYS D 65 -39.04 -13.98 2.93
C LYS D 65 -39.65 -14.86 1.85
N GLY D 66 -38.99 -14.91 0.69
CA GLY D 66 -39.48 -15.69 -0.43
C GLY D 66 -40.37 -14.89 -1.36
N ARG D 67 -41.36 -14.19 -0.79
CA ARG D 67 -42.31 -13.45 -1.62
C ARG D 67 -41.67 -12.18 -2.19
N PHE D 68 -40.87 -11.48 -1.39
CA PHE D 68 -40.31 -10.19 -1.77
C PHE D 68 -38.86 -10.34 -2.19
N THR D 69 -38.45 -9.51 -3.14
CA THR D 69 -37.06 -9.45 -3.60
C THR D 69 -36.63 -7.99 -3.65
N ILE D 70 -35.40 -7.72 -3.23
CA ILE D 70 -34.85 -6.37 -3.19
C ILE D 70 -33.62 -6.33 -4.09
N SER D 71 -33.57 -5.34 -4.97
CA SER D 71 -32.46 -5.19 -5.90
C SER D 71 -32.11 -3.71 -6.01
N ARG D 72 -30.92 -3.43 -6.56
CA ARG D 72 -30.50 -2.05 -6.76
C ARG D 72 -29.74 -1.95 -8.07
N ASP D 73 -29.90 -0.81 -8.74
CA ASP D 73 -29.21 -0.48 -9.98
C ASP D 73 -28.47 0.82 -9.77
N ASP D 74 -27.18 0.72 -9.48
CA ASP D 74 -26.35 1.87 -9.14
C ASP D 74 -26.24 2.85 -10.30
N PRO D 75 -26.03 2.40 -11.54
CA PRO D 75 -25.90 3.35 -12.65
C PRO D 75 -27.10 4.27 -12.79
N LYS D 76 -28.31 3.78 -12.57
CA LYS D 76 -29.50 4.64 -12.53
C LYS D 76 -29.80 5.15 -11.13
N ASN D 77 -29.00 4.78 -10.13
CA ASN D 77 -29.22 5.20 -8.75
C ASN D 77 -30.65 4.88 -8.31
N THR D 78 -31.06 3.63 -8.50
CA THR D 78 -32.44 3.22 -8.24
C THR D 78 -32.45 1.99 -7.36
N LEU D 79 -33.47 1.91 -6.50
CA LEU D 79 -33.72 0.75 -5.67
C LEU D 79 -35.06 0.15 -6.08
N PHE D 80 -35.16 -1.18 -6.08
CA PHE D 80 -36.34 -1.88 -6.54
C PHE D 80 -36.77 -2.90 -5.51
N LEU D 81 -38.08 -3.00 -5.29
CA LEU D 81 -38.68 -4.02 -4.45
C LEU D 81 -39.76 -4.73 -5.26
N GLN D 82 -39.48 -5.95 -5.68
CA GLN D 82 -40.43 -6.80 -6.38
C GLN D 82 -41.24 -7.55 -5.33
N MET D 83 -42.56 -7.47 -5.42
CA MET D 83 -43.45 -8.12 -4.48
C MET D 83 -44.43 -8.99 -5.26
N THR D 84 -44.59 -10.24 -4.83
CA THR D 84 -45.45 -11.20 -5.50
C THR D 84 -46.33 -11.89 -4.47
N SER D 85 -47.53 -12.28 -4.89
CA SER D 85 -48.49 -12.94 -4.01
C SER D 85 -48.84 -12.05 -2.83
N LEU D 86 -49.31 -10.85 -3.14
CA LEU D 86 -49.60 -9.85 -2.12
C LEU D 86 -50.84 -10.25 -1.33
N ARG D 87 -50.73 -10.18 -0.01
CA ARG D 87 -51.80 -10.54 0.91
C ARG D 87 -52.38 -9.26 1.53
N SER D 88 -53.39 -9.44 2.38
CA SER D 88 -54.03 -8.33 3.04
C SER D 88 -53.10 -7.57 3.98
N GLU D 89 -52.02 -8.21 4.45
CA GLU D 89 -51.10 -7.58 5.38
C GLU D 89 -50.08 -6.68 4.69
N ASP D 90 -50.09 -6.61 3.37
CA ASP D 90 -49.11 -5.83 2.61
C ASP D 90 -49.61 -4.42 2.29
N THR D 91 -50.79 -4.04 2.75
CA THR D 91 -51.30 -2.68 2.54
C THR D 91 -50.56 -1.76 3.50
N ALA D 92 -49.78 -0.83 2.95
CA ALA D 92 -48.98 0.03 3.79
C ALA D 92 -48.31 1.11 2.95
N MET D 93 -47.79 2.13 3.62
CA MET D 93 -46.89 3.10 3.04
C MET D 93 -45.48 2.55 3.15
N TYR D 94 -44.76 2.48 2.03
CA TYR D 94 -43.42 1.93 1.98
C TYR D 94 -42.42 3.08 1.85
N TYR D 95 -41.47 3.13 2.79
CA TYR D 95 -40.41 4.12 2.81
C TYR D 95 -39.08 3.46 2.45
N CYS D 96 -38.33 4.14 1.60
CA CYS D 96 -36.96 3.76 1.27
C CYS D 96 -36.02 4.58 2.13
N VAL D 97 -35.06 3.92 2.77
CA VAL D 97 -34.19 4.53 3.76
C VAL D 97 -32.74 4.24 3.41
N ARG D 98 -31.89 5.25 3.45
CA ARG D 98 -30.45 5.08 3.26
C ARG D 98 -29.79 4.85 4.61
N SER D 99 -28.70 4.12 4.61
CA SER D 99 -27.94 3.84 5.83
C SER D 99 -26.52 3.47 5.43
N ILE D 100 -25.54 4.16 5.99
CA ILE D 100 -24.13 3.90 5.71
C ILE D 100 -23.45 3.44 6.99
N TYR D 101 -22.67 2.37 6.89
CA TYR D 101 -22.12 1.69 8.06
C TYR D 101 -20.60 1.78 8.05
N TYR D 102 -20.07 2.60 8.96
CA TYR D 102 -18.65 2.64 9.28
C TYR D 102 -18.53 3.25 10.66
N TYR D 103 -17.33 3.19 11.23
CA TYR D 103 -17.12 3.70 12.58
C TYR D 103 -17.57 5.15 12.64
N GLY D 104 -18.49 5.45 13.54
CA GLY D 104 -18.99 6.81 13.74
C GLY D 104 -20.07 7.25 12.79
N SER D 105 -20.55 6.38 11.90
CA SER D 105 -21.59 6.76 10.97
C SER D 105 -22.95 6.82 11.65
N SER D 106 -23.94 7.33 10.92
CA SER D 106 -25.31 7.49 11.42
C SER D 106 -26.27 6.84 10.44
N PRO D 107 -26.53 5.54 10.57
CA PRO D 107 -27.47 4.87 9.66
C PRO D 107 -28.90 5.34 9.90
N PHE D 108 -29.74 5.11 8.89
CA PHE D 108 -31.17 5.43 8.94
C PHE D 108 -31.40 6.93 9.09
N ASP D 109 -30.50 7.74 8.53
CA ASP D 109 -30.56 9.18 8.75
C ASP D 109 -31.57 9.86 7.84
N PHE D 110 -31.73 9.37 6.61
CA PHE D 110 -32.64 9.99 5.65
C PHE D 110 -33.67 8.97 5.18
N TRP D 111 -34.94 9.38 5.20
CA TRP D 111 -36.06 8.57 4.76
C TRP D 111 -36.72 9.21 3.56
N GLY D 112 -37.23 8.38 2.66
CA GLY D 112 -38.00 8.86 1.53
C GLY D 112 -39.39 9.31 1.95
N GLN D 113 -40.10 9.87 0.99
CA GLN D 113 -41.47 10.33 1.24
C GLN D 113 -42.45 9.19 1.38
N GLY D 114 -42.23 8.08 0.68
CA GLY D 114 -43.05 6.90 0.83
C GLY D 114 -44.09 6.75 -0.25
N THR D 115 -44.33 5.51 -0.68
CA THR D 115 -45.34 5.20 -1.68
C THR D 115 -46.41 4.32 -1.05
N THR D 116 -47.67 4.68 -1.26
CA THR D 116 -48.79 3.94 -0.67
C THR D 116 -49.16 2.75 -1.55
N LEU D 117 -49.32 1.59 -0.92
CA LEU D 117 -49.75 0.38 -1.61
C LEU D 117 -50.99 -0.15 -0.90
N THR D 118 -52.06 -0.35 -1.65
CA THR D 118 -53.32 -0.86 -1.13
C THR D 118 -53.62 -2.20 -1.78
N VAL D 119 -53.98 -3.18 -0.97
CA VAL D 119 -54.48 -4.47 -1.44
C VAL D 119 -55.86 -4.68 -0.83
N SER D 120 -56.88 -4.71 -1.68
CA SER D 120 -58.27 -4.82 -1.25
C SER D 120 -58.93 -5.99 -1.97
N ALA D 121 -59.61 -6.83 -1.20
CA ALA D 121 -60.30 -7.99 -1.77
C ALA D 121 -61.63 -7.57 -2.39
N ASP D 138 -36.67 -13.21 18.10
CA ASP D 138 -36.44 -11.81 17.74
C ASP D 138 -36.44 -10.93 18.98
N ILE D 139 -35.89 -9.72 18.85
CA ILE D 139 -35.91 -8.77 19.94
C ILE D 139 -37.22 -8.00 19.89
N VAL D 140 -37.91 -7.93 21.02
CA VAL D 140 -39.19 -7.25 21.13
C VAL D 140 -38.93 -5.89 21.78
N MET D 141 -39.36 -4.82 21.12
CA MET D 141 -39.21 -3.47 21.63
C MET D 141 -40.58 -2.97 22.08
N THR D 142 -40.66 -2.49 23.31
CA THR D 142 -41.93 -2.16 23.95
C THR D 142 -41.95 -0.67 24.30
N GLN D 143 -42.88 0.05 23.70
CA GLN D 143 -43.21 1.41 24.14
C GLN D 143 -44.29 1.31 25.21
N ALA D 144 -43.89 1.48 26.48
CA ALA D 144 -44.82 1.26 27.58
C ALA D 144 -46.03 2.20 27.47
N THR D 145 -45.79 3.46 27.15
CA THR D 145 -46.87 4.43 26.98
C THR D 145 -47.26 4.54 25.50
N SER D 146 -48.49 4.95 25.27
CA SER D 146 -49.03 5.08 23.92
C SER D 146 -49.37 6.52 23.56
N SER D 147 -49.63 7.37 24.56
CA SER D 147 -49.97 8.76 24.30
C SER D 147 -49.89 9.55 25.60
N VAL D 148 -49.33 10.76 25.53
CA VAL D 148 -49.25 11.66 26.67
C VAL D 148 -49.45 13.08 26.16
N PRO D 149 -50.25 13.91 26.84
CA PRO D 149 -50.41 15.30 26.39
C PRO D 149 -49.39 16.20 27.07
N VAL D 150 -48.78 17.09 26.28
CA VAL D 150 -47.74 18.00 26.76
C VAL D 150 -47.99 19.38 26.20
N THR D 151 -47.33 20.37 26.82
CA THR D 151 -47.41 21.76 26.40
C THR D 151 -46.01 22.35 26.28
N PRO D 152 -45.81 23.36 25.42
CA PRO D 152 -44.47 23.93 25.24
C PRO D 152 -43.87 24.46 26.54
N GLY D 153 -42.63 24.09 26.82
CA GLY D 153 -41.93 24.59 27.98
C GLY D 153 -41.45 23.51 28.93
N GLU D 154 -42.23 22.44 29.06
CA GLU D 154 -41.90 21.38 29.99
C GLU D 154 -41.05 20.30 29.33
N SER D 155 -40.33 19.55 30.16
CA SER D 155 -39.58 18.41 29.68
C SER D 155 -40.51 17.22 29.48
N VAL D 156 -40.21 16.40 28.46
CA VAL D 156 -40.98 15.21 28.13
C VAL D 156 -40.04 14.02 28.12
N SER D 157 -40.50 12.90 28.64
CA SER D 157 -39.72 11.67 28.67
C SER D 157 -40.50 10.56 27.98
N ILE D 158 -39.84 9.84 27.08
CA ILE D 158 -40.43 8.70 26.37
C ILE D 158 -39.55 7.49 26.65
N SER D 159 -40.18 6.37 27.01
CA SER D 159 -39.47 5.19 27.46
C SER D 159 -39.60 4.07 26.45
N CYS D 160 -38.54 3.27 26.34
CA CYS D 160 -38.53 2.08 25.50
C CYS D 160 -37.82 0.95 26.23
N ARG D 161 -38.30 -0.27 26.00
CA ARG D 161 -37.77 -1.45 26.66
C ARG D 161 -37.52 -2.54 25.63
N SER D 162 -36.46 -3.30 25.84
CA SER D 162 -36.05 -4.36 24.93
C SER D 162 -36.07 -5.70 25.65
N SER D 163 -36.58 -6.72 24.96
CA SER D 163 -36.59 -8.08 25.49
C SER D 163 -35.20 -8.68 25.60
N LYS D 164 -34.20 -8.06 24.98
CA LYS D 164 -32.81 -8.50 25.04
C LYS D 164 -31.94 -7.28 25.24
N SER D 165 -30.78 -7.47 25.87
CA SER D 165 -29.86 -6.37 26.10
C SER D 165 -29.28 -5.92 24.77
N LEU D 166 -29.35 -4.62 24.50
CA LEU D 166 -28.81 -4.06 23.26
C LEU D 166 -27.37 -3.64 23.39
N LEU D 167 -26.81 -3.67 24.60
CA LEU D 167 -25.39 -3.34 24.81
C LEU D 167 -24.55 -4.49 24.29
N HIS D 168 -23.77 -4.23 23.25
CA HIS D 168 -22.87 -5.23 22.68
C HIS D 168 -21.55 -5.23 23.44
N SER D 169 -20.80 -6.31 23.26
CA SER D 169 -19.50 -6.43 23.93
C SER D 169 -18.51 -5.39 23.45
N ASN D 170 -18.76 -4.75 22.30
CA ASN D 170 -17.86 -3.74 21.77
C ASN D 170 -18.09 -2.37 22.38
N GLY D 171 -19.10 -2.21 23.25
CA GLY D 171 -19.37 -0.96 23.92
C GLY D 171 -20.53 -0.18 23.33
N ASN D 172 -21.05 -0.57 22.16
CA ASN D 172 -22.14 0.15 21.53
C ASN D 172 -23.49 -0.45 21.93
N THR D 173 -24.46 0.41 22.14
CA THR D 173 -25.85 0.01 22.39
C THR D 173 -26.67 0.47 21.19
N TYR D 174 -27.18 -0.48 20.42
CA TYR D 174 -27.76 -0.19 19.11
C TYR D 174 -29.25 0.13 19.27
N LEU D 175 -29.53 1.34 19.72
CA LEU D 175 -30.88 1.85 19.86
C LEU D 175 -31.01 3.14 19.06
N TYR D 176 -32.12 3.29 18.35
CA TYR D 176 -32.37 4.41 17.45
C TYR D 176 -33.72 5.02 17.79
N TRP D 177 -33.75 6.35 17.89
CA TRP D 177 -34.98 7.10 18.14
C TRP D 177 -35.32 7.90 16.89
N PHE D 178 -36.53 7.68 16.37
CA PHE D 178 -37.07 8.36 15.20
C PHE D 178 -38.31 9.14 15.59
N LEU D 179 -38.56 10.23 14.86
CA LEU D 179 -39.75 11.05 15.06
C LEU D 179 -40.48 11.17 13.72
N GLN D 180 -41.78 10.85 13.74
CA GLN D 180 -42.64 10.99 12.55
C GLN D 180 -43.71 12.02 12.88
N ARG D 181 -43.59 13.20 12.29
CA ARG D 181 -44.62 14.22 12.45
C ARG D 181 -45.81 13.90 11.54
N PRO D 182 -47.01 14.39 11.87
CA PRO D 182 -48.19 14.04 11.08
C PRO D 182 -48.01 14.37 9.60
N GLY D 183 -48.19 13.37 8.76
CA GLY D 183 -48.12 13.56 7.33
C GLY D 183 -46.73 13.56 6.74
N GLN D 184 -45.70 13.38 7.57
CA GLN D 184 -44.32 13.43 7.11
C GLN D 184 -43.65 12.07 7.30
N SER D 185 -42.49 11.91 6.67
CA SER D 185 -41.70 10.71 6.89
C SER D 185 -40.98 10.81 8.23
N PRO D 186 -40.74 9.68 8.89
CA PRO D 186 -39.95 9.70 10.12
C PRO D 186 -38.52 10.14 9.85
N GLN D 187 -37.93 10.82 10.82
CA GLN D 187 -36.55 11.27 10.72
C GLN D 187 -35.77 10.78 11.94
N LEU D 188 -34.49 10.52 11.72
CA LEU D 188 -33.63 10.08 12.82
C LEU D 188 -33.43 11.22 13.82
N LEU D 189 -33.69 10.92 15.09
CA LEU D 189 -33.38 11.84 16.18
C LEU D 189 -32.11 11.42 16.90
N ILE D 190 -32.02 10.14 17.28
CA ILE D 190 -30.88 9.63 18.01
C ILE D 190 -30.43 8.32 17.36
N TYR D 191 -29.12 8.13 17.24
CA TYR D 191 -28.54 6.86 16.82
C TYR D 191 -27.60 6.35 17.90
N ARG D 192 -27.75 5.07 18.24
CA ARG D 192 -27.04 4.41 19.33
C ARG D 192 -27.31 5.09 20.68
N MET D 193 -28.53 5.61 20.89
CA MET D 193 -29.12 6.04 22.15
C MET D 193 -28.43 7.22 22.81
N SER D 194 -27.31 7.70 22.26
CA SER D 194 -26.60 8.82 22.87
C SER D 194 -26.11 9.84 21.85
N ASN D 195 -26.15 9.52 20.57
CA ASN D 195 -25.58 10.38 19.54
C ASN D 195 -26.71 11.14 18.84
N LEU D 196 -26.58 12.46 18.83
CA LEU D 196 -27.58 13.32 18.22
C LEU D 196 -27.37 13.39 16.71
N ALA D 197 -28.43 13.17 15.95
CA ALA D 197 -28.33 13.21 14.50
C ALA D 197 -28.05 14.63 14.03
N SER D 198 -27.44 14.74 12.86
CA SER D 198 -27.06 16.05 12.32
C SER D 198 -28.31 16.82 11.93
N GLY D 199 -28.39 18.08 12.37
CA GLY D 199 -29.55 18.91 12.12
C GLY D 199 -30.63 18.84 13.17
N VAL D 200 -30.43 18.07 14.23
CA VAL D 200 -31.41 17.92 15.30
C VAL D 200 -30.96 18.79 16.47
N PRO D 201 -31.84 19.63 17.03
CA PRO D 201 -31.42 20.50 18.13
C PRO D 201 -31.01 19.70 19.36
N ASP D 202 -30.16 20.32 20.18
CA ASP D 202 -29.69 19.71 21.42
C ASP D 202 -30.81 19.52 22.44
N ARG D 203 -32.03 19.93 22.10
CA ARG D 203 -33.17 19.66 22.98
C ARG D 203 -33.36 18.17 23.21
N PHE D 204 -33.22 17.37 22.16
CA PHE D 204 -33.39 15.93 22.26
C PHE D 204 -32.13 15.29 22.85
N SER D 205 -32.33 14.38 23.80
CA SER D 205 -31.24 13.66 24.42
C SER D 205 -31.66 12.21 24.59
N GLY D 206 -30.71 11.30 24.42
CA GLY D 206 -30.95 9.87 24.62
C GLY D 206 -30.09 9.36 25.75
N SER D 207 -30.67 8.51 26.59
CA SER D 207 -29.92 7.94 27.70
C SER D 207 -30.56 6.61 28.11
N GLY D 208 -29.96 5.99 29.12
CA GLY D 208 -30.45 4.73 29.66
C GLY D 208 -29.35 3.71 29.63
N SER D 209 -29.74 2.46 29.86
CA SER D 209 -28.82 1.33 29.83
C SER D 209 -29.52 0.18 29.12
N GLY D 210 -28.80 -0.91 28.93
CA GLY D 210 -29.35 -2.06 28.24
C GLY D 210 -30.74 -2.42 28.73
N THR D 211 -31.65 -2.67 27.79
CA THR D 211 -32.99 -3.15 28.09
C THR D 211 -33.91 -2.04 28.62
N ALA D 212 -33.39 -0.83 28.81
CA ALA D 212 -34.21 0.28 29.31
C ALA D 212 -33.63 1.59 28.82
N PHE D 213 -34.36 2.29 27.96
CA PHE D 213 -33.85 3.50 27.31
C PHE D 213 -34.89 4.62 27.40
N THR D 214 -34.40 5.85 27.38
CA THR D 214 -35.25 7.02 27.53
C THR D 214 -34.80 8.12 26.57
N LEU D 215 -35.79 8.83 26.03
CA LEU D 215 -35.60 10.01 25.21
C LEU D 215 -36.20 11.22 25.93
N THR D 216 -35.37 12.23 26.14
CA THR D 216 -35.75 13.42 26.90
C THR D 216 -35.76 14.63 25.99
N ILE D 217 -36.87 15.36 26.02
CA ILE D 217 -37.06 16.57 25.23
C ILE D 217 -37.24 17.72 26.21
N SER D 218 -36.20 18.52 26.40
CA SER D 218 -36.29 19.72 27.23
C SER D 218 -36.64 20.92 26.36
N ARG D 219 -37.42 21.84 26.92
CA ARG D 219 -37.86 23.05 26.23
C ARG D 219 -38.60 22.66 24.93
N LEU D 220 -39.73 21.99 25.13
CA LEU D 220 -40.51 21.48 24.02
C LEU D 220 -41.09 22.60 23.18
N GLU D 221 -41.17 22.36 21.86
CA GLU D 221 -41.78 23.28 20.92
C GLU D 221 -42.87 22.56 20.12
N ALA D 222 -43.64 23.34 19.38
CA ALA D 222 -44.83 22.81 18.71
C ALA D 222 -44.46 21.70 17.72
N GLU D 223 -43.40 21.89 16.93
CA GLU D 223 -43.09 20.93 15.88
C GLU D 223 -42.63 19.60 16.46
N ASP D 224 -42.34 19.54 17.77
CA ASP D 224 -41.93 18.28 18.37
C ASP D 224 -43.07 17.29 18.44
N VAL D 225 -44.30 17.74 18.25
CA VAL D 225 -45.47 16.87 18.30
C VAL D 225 -45.40 15.85 17.17
N GLY D 226 -45.66 14.59 17.50
CA GLY D 226 -45.63 13.52 16.51
C GLY D 226 -45.66 12.16 17.17
N VAL D 227 -45.16 11.14 16.46
CA VAL D 227 -45.05 9.79 17.00
C VAL D 227 -43.57 9.44 17.09
N TYR D 228 -43.14 8.99 18.26
CA TYR D 228 -41.75 8.66 18.51
C TYR D 228 -41.59 7.14 18.52
N TYR D 229 -40.60 6.65 17.76
CA TYR D 229 -40.36 5.23 17.61
C TYR D 229 -38.96 4.89 18.09
N CYS D 230 -38.83 3.76 18.77
CA CYS D 230 -37.54 3.20 19.14
C CYS D 230 -37.30 1.94 18.33
N MET D 231 -36.07 1.78 17.86
CA MET D 231 -35.68 0.67 17.00
C MET D 231 -34.38 0.09 17.52
N GLN D 232 -34.18 -1.21 17.33
CA GLN D 232 -32.93 -1.85 17.68
C GLN D 232 -32.17 -2.25 16.42
N HIS D 233 -30.85 -2.10 16.46
CA HIS D 233 -29.99 -2.46 15.35
C HIS D 233 -28.89 -3.41 15.82
N LEU D 234 -29.18 -4.18 16.88
CA LEU D 234 -28.23 -5.16 17.37
C LEU D 234 -28.07 -6.34 16.42
N GLU D 235 -29.20 -6.82 15.88
CA GLU D 235 -29.20 -8.00 15.03
C GLU D 235 -30.15 -7.62 13.93
N TYR D 236 -30.21 -8.41 12.86
CA TYR D 236 -31.04 -8.03 11.70
C TYR D 236 -32.56 -8.25 11.70
N PRO D 237 -33.14 -8.69 12.84
CA PRO D 237 -34.60 -8.70 12.82
C PRO D 237 -35.09 -7.26 12.63
N LEU D 238 -34.31 -6.24 13.00
CA LEU D 238 -34.68 -4.83 12.86
C LEU D 238 -36.13 -4.64 13.29
N THR D 239 -36.35 -4.37 14.57
CA THR D 239 -37.69 -4.34 15.13
C THR D 239 -37.97 -2.98 15.69
N PHE D 240 -39.18 -2.47 15.47
CA PHE D 240 -39.58 -1.14 15.92
C PHE D 240 -40.49 -1.27 17.14
N GLY D 241 -40.61 -0.16 17.89
CA GLY D 241 -41.60 -0.07 18.93
C GLY D 241 -42.98 0.24 18.36
N ALA D 242 -43.98 0.14 19.23
CA ALA D 242 -45.35 0.42 18.81
C ALA D 242 -45.52 1.88 18.43
N GLY D 243 -44.87 2.77 19.17
CA GLY D 243 -44.93 4.20 18.89
C GLY D 243 -45.61 5.00 19.98
N THR D 244 -44.89 5.94 20.57
CA THR D 244 -45.43 6.82 21.60
C THR D 244 -45.79 8.15 20.97
N LYS D 245 -47.05 8.55 21.10
CA LYS D 245 -47.58 9.74 20.45
C LYS D 245 -47.64 10.90 21.44
N LEU D 246 -47.33 12.09 20.95
CA LEU D 246 -47.44 13.31 21.74
C LEU D 246 -48.57 14.18 21.17
N GLU D 247 -49.30 14.82 22.08
CA GLU D 247 -50.44 15.63 21.71
C GLU D 247 -50.40 16.93 22.48
N LEU D 248 -51.09 17.94 21.94
CA LEU D 248 -51.15 19.26 22.58
C LEU D 248 -52.22 19.27 23.67
N SER E 73 20.57 -61.74 -8.94
CA SER E 73 21.80 -61.62 -8.18
C SER E 73 21.66 -60.59 -7.10
N MET E 74 22.58 -60.58 -6.15
CA MET E 74 22.56 -59.55 -5.14
C MET E 74 23.10 -58.30 -5.78
N ILE E 75 23.95 -58.45 -6.78
CA ILE E 75 24.59 -57.28 -7.39
C ILE E 75 23.55 -56.47 -8.13
N THR E 76 22.75 -57.15 -8.96
CA THR E 76 21.73 -56.46 -9.70
C THR E 76 20.80 -55.77 -8.74
N ALA E 77 20.40 -56.48 -7.69
CA ALA E 77 19.50 -55.89 -6.69
C ALA E 77 20.15 -54.73 -6.03
N ILE E 78 21.41 -54.88 -5.67
CA ILE E 78 22.11 -53.83 -4.99
C ILE E 78 22.07 -52.59 -5.85
N THR E 79 22.39 -52.73 -7.12
CA THR E 79 22.45 -51.56 -7.99
C THR E 79 21.07 -51.00 -8.30
N ILE E 80 20.13 -51.85 -8.71
CA ILE E 80 18.79 -51.39 -9.05
C ILE E 80 18.06 -50.85 -7.84
N MET E 81 18.55 -51.16 -6.65
CA MET E 81 17.94 -50.66 -5.42
C MET E 81 18.67 -49.45 -4.89
N ALA E 82 19.96 -49.36 -5.19
CA ALA E 82 20.75 -48.26 -4.67
C ALA E 82 20.41 -47.01 -5.43
N LEU E 83 20.33 -47.13 -6.76
CA LEU E 83 19.95 -45.99 -7.58
C LEU E 83 18.54 -45.58 -7.18
N TYR E 84 17.52 -46.44 -7.23
CA TYR E 84 16.16 -46.05 -6.92
C TYR E 84 16.12 -45.30 -5.62
N SER E 85 16.72 -45.85 -4.59
CA SER E 85 16.65 -45.23 -3.27
C SER E 85 17.39 -43.91 -3.18
N ILE E 86 18.55 -43.82 -3.82
CA ILE E 86 19.31 -42.59 -3.78
C ILE E 86 18.58 -41.47 -4.51
N VAL E 87 17.96 -41.78 -5.65
CA VAL E 87 17.17 -40.78 -6.35
C VAL E 87 16.14 -40.23 -5.38
N CYS E 88 15.57 -41.11 -4.56
CA CYS E 88 14.53 -40.68 -3.64
C CYS E 88 15.00 -39.66 -2.62
N VAL E 89 16.17 -39.88 -2.01
CA VAL E 89 16.62 -38.98 -0.98
C VAL E 89 16.93 -37.64 -1.62
N VAL E 90 17.68 -37.67 -2.71
CA VAL E 90 18.06 -36.44 -3.36
C VAL E 90 16.81 -35.66 -3.69
N GLY E 91 15.88 -36.32 -4.37
CA GLY E 91 14.68 -35.63 -4.78
C GLY E 91 13.93 -35.03 -3.63
N LEU E 92 13.46 -35.86 -2.71
CA LEU E 92 12.66 -35.36 -1.60
C LEU E 92 13.40 -34.31 -0.77
N PHE E 93 14.72 -34.45 -0.58
CA PHE E 93 15.47 -33.40 0.13
C PHE E 93 15.35 -32.08 -0.59
N GLY E 94 15.80 -31.98 -1.85
CA GLY E 94 15.82 -30.71 -2.55
C GLY E 94 14.42 -30.16 -2.69
N ASN E 95 13.51 -30.96 -3.21
CA ASN E 95 12.17 -30.47 -3.45
C ASN E 95 11.61 -29.93 -2.15
N PHE E 96 11.83 -30.63 -1.06
CA PHE E 96 11.23 -30.21 0.21
C PHE E 96 11.88 -28.93 0.73
N LEU E 97 13.16 -28.76 0.53
CA LEU E 97 13.83 -27.54 0.98
C LEU E 97 13.34 -26.34 0.19
N VAL E 98 13.27 -26.47 -1.13
CA VAL E 98 12.81 -25.37 -1.95
C VAL E 98 11.38 -25.06 -1.58
N MET E 99 10.56 -26.08 -1.37
CA MET E 99 9.16 -25.83 -1.07
C MET E 99 9.16 -25.11 0.24
N TYR E 100 10.01 -25.55 1.16
CA TYR E 100 10.11 -24.92 2.47
C TYR E 100 10.62 -23.50 2.41
N VAL E 101 11.62 -23.24 1.60
CA VAL E 101 12.21 -21.91 1.55
C VAL E 101 11.30 -20.93 0.83
N ILE E 102 10.40 -21.46 -0.01
CA ILE E 102 9.45 -20.59 -0.68
C ILE E 102 8.49 -20.09 0.36
N VAL E 103 8.25 -20.90 1.39
CA VAL E 103 7.29 -20.53 2.41
C VAL E 103 7.93 -20.00 3.70
N ARG E 104 9.20 -19.57 3.64
CA ARG E 104 9.89 -19.01 4.80
C ARG E 104 10.68 -17.75 4.48
N TYR E 105 11.65 -17.82 3.55
CA TYR E 105 12.53 -16.67 3.23
C TYR E 105 12.23 -16.04 1.89
N THR E 106 11.10 -16.38 1.27
CA THR E 106 10.77 -15.90 -0.08
C THR E 106 9.33 -15.42 -0.19
N LYS E 107 8.34 -16.25 0.12
CA LYS E 107 6.90 -15.95 0.00
C LYS E 107 6.44 -15.96 -1.46
N MET E 108 5.42 -16.78 -1.77
CA MET E 108 4.87 -16.82 -3.13
C MET E 108 4.12 -15.54 -3.43
N LYS E 109 4.80 -14.51 -3.98
CA LYS E 109 4.14 -13.28 -4.36
C LYS E 109 4.25 -13.13 -5.86
N THR E 110 5.36 -13.57 -6.43
CA THR E 110 5.55 -13.52 -7.87
C THR E 110 4.97 -14.74 -8.54
N ALA E 111 4.81 -14.71 -9.86
CA ALA E 111 4.34 -15.86 -10.57
C ALA E 111 5.42 -16.94 -10.60
N THR E 112 6.67 -16.51 -10.52
CA THR E 112 7.79 -17.45 -10.57
C THR E 112 7.86 -18.33 -9.35
N ASN E 113 7.73 -17.76 -8.16
CA ASN E 113 7.74 -18.56 -6.94
C ASN E 113 6.54 -19.50 -6.94
N ILE E 114 5.43 -19.06 -7.47
CA ILE E 114 4.25 -19.89 -7.50
C ILE E 114 4.49 -21.09 -8.41
N TYR E 115 5.15 -20.88 -9.54
CA TYR E 115 5.48 -21.99 -10.43
C TYR E 115 6.58 -22.86 -9.85
N ILE E 116 7.57 -22.25 -9.24
CA ILE E 116 8.68 -23.00 -8.65
C ILE E 116 8.21 -23.88 -7.52
N PHE E 117 7.25 -23.40 -6.73
CA PHE E 117 6.70 -24.18 -5.64
C PHE E 117 5.90 -25.32 -6.18
N ASN E 118 5.06 -25.04 -7.16
CA ASN E 118 4.21 -26.07 -7.71
C ASN E 118 5.01 -27.18 -8.37
N LEU E 119 6.16 -26.85 -8.95
CA LEU E 119 7.02 -27.86 -9.57
C LEU E 119 7.74 -28.60 -8.48
N ALA E 120 8.19 -27.90 -7.45
CA ALA E 120 8.86 -28.52 -6.33
C ALA E 120 7.93 -29.52 -5.71
N LEU E 121 6.65 -29.17 -5.61
CA LEU E 121 5.67 -30.09 -5.07
C LEU E 121 5.52 -31.32 -5.92
N ALA E 122 5.23 -31.17 -7.20
CA ALA E 122 4.96 -32.34 -8.01
C ALA E 122 6.15 -33.26 -8.06
N ASP E 123 7.34 -32.69 -7.98
CA ASP E 123 8.53 -33.49 -8.05
C ASP E 123 8.72 -34.24 -6.75
N ALA E 124 8.44 -33.61 -5.61
CA ALA E 124 8.51 -34.29 -4.33
C ALA E 124 7.50 -35.43 -4.31
N LEU E 125 6.28 -35.13 -4.68
CA LEU E 125 5.25 -36.17 -4.72
C LEU E 125 5.60 -37.34 -5.64
N ALA E 126 6.16 -37.08 -6.82
CA ALA E 126 6.47 -38.16 -7.74
C ALA E 126 7.65 -39.00 -7.26
N THR E 127 8.67 -38.37 -6.69
CA THR E 127 9.80 -39.12 -6.16
C THR E 127 9.31 -40.00 -5.03
N SER E 128 8.22 -39.60 -4.38
CA SER E 128 7.64 -40.37 -3.29
C SER E 128 7.05 -41.70 -3.72
N THR E 129 6.82 -41.87 -5.01
CA THR E 129 6.27 -43.12 -5.51
C THR E 129 7.37 -44.13 -5.79
N LEU E 130 8.62 -43.73 -5.63
CA LEU E 130 9.77 -44.59 -5.94
C LEU E 130 9.97 -45.74 -4.96
N PRO E 131 9.83 -45.46 -3.65
CA PRO E 131 10.11 -46.50 -2.66
C PRO E 131 9.22 -47.72 -2.86
N PHE E 132 7.96 -47.52 -3.21
CA PHE E 132 7.09 -48.64 -3.49
C PHE E 132 7.61 -49.43 -4.67
N GLN E 133 8.00 -48.74 -5.73
CA GLN E 133 8.50 -49.41 -6.92
C GLN E 133 9.73 -50.24 -6.62
N SER E 134 10.64 -49.70 -5.82
CA SER E 134 11.88 -50.41 -5.49
C SER E 134 11.61 -51.66 -4.67
N VAL E 135 10.68 -51.59 -3.73
CA VAL E 135 10.31 -52.75 -2.95
C VAL E 135 9.60 -53.74 -3.85
N ASN E 136 8.75 -53.25 -4.73
CA ASN E 136 8.04 -54.12 -5.66
C ASN E 136 9.07 -54.89 -6.47
N TYR E 137 10.26 -54.33 -6.60
CA TYR E 137 11.33 -55.01 -7.32
C TYR E 137 12.03 -56.03 -6.44
N LEU E 138 12.55 -55.61 -5.31
CA LEU E 138 13.31 -56.50 -4.43
C LEU E 138 12.47 -57.59 -3.82
N MET E 139 11.30 -57.26 -3.29
CA MET E 139 10.39 -58.29 -2.79
C MET E 139 9.81 -59.08 -3.95
N GLY E 140 9.92 -58.55 -5.16
CA GLY E 140 9.42 -59.24 -6.34
C GLY E 140 7.92 -59.31 -6.42
N THR E 141 7.23 -58.61 -5.51
CA THR E 141 5.78 -58.67 -5.44
C THR E 141 5.27 -57.40 -4.80
N TRP E 142 4.03 -57.00 -5.09
CA TRP E 142 3.41 -55.86 -4.43
C TRP E 142 2.87 -56.41 -3.11
N PRO E 143 3.17 -55.80 -1.95
CA PRO E 143 2.54 -56.25 -0.69
C PRO E 143 1.57 -55.25 -0.11
N PHE E 144 1.26 -54.17 -0.82
CA PHE E 144 0.47 -53.07 -0.25
C PHE E 144 -1.05 -53.00 -0.50
N GLY E 145 -1.63 -53.83 -1.37
CA GLY E 145 -3.05 -53.89 -1.62
C GLY E 145 -3.49 -53.33 -2.96
N THR E 146 -4.79 -53.24 -3.19
CA THR E 146 -5.30 -52.70 -4.43
C THR E 146 -5.75 -51.28 -4.21
N ILE E 147 -5.52 -50.75 -3.02
CA ILE E 147 -5.86 -49.36 -2.75
C ILE E 147 -4.61 -48.53 -2.73
N LEU E 148 -3.54 -49.04 -2.16
CA LEU E 148 -2.30 -48.30 -2.18
C LEU E 148 -1.76 -48.34 -3.61
N CYS E 149 -1.97 -49.42 -4.35
CA CYS E 149 -1.50 -49.38 -5.73
C CYS E 149 -2.20 -48.22 -6.47
N LYS E 150 -3.51 -48.08 -6.34
CA LYS E 150 -4.21 -47.03 -7.06
C LYS E 150 -3.72 -45.66 -6.63
N ILE E 151 -3.21 -45.55 -5.42
CA ILE E 151 -2.66 -44.29 -4.95
C ILE E 151 -1.21 -44.18 -5.38
N VAL E 152 -0.63 -45.29 -5.80
CA VAL E 152 0.75 -45.29 -6.25
C VAL E 152 0.78 -45.04 -7.74
N ILE E 153 0.18 -45.91 -8.52
CA ILE E 153 0.23 -45.75 -9.94
C ILE E 153 -0.32 -44.39 -10.33
N SER E 154 -1.46 -43.99 -9.76
CA SER E 154 -2.07 -42.73 -10.18
C SER E 154 -1.24 -41.53 -9.84
N ILE E 155 -0.61 -41.52 -8.67
CA ILE E 155 0.21 -40.41 -8.27
C ILE E 155 1.41 -40.31 -9.18
N ASP E 156 1.88 -41.45 -9.65
CA ASP E 156 3.03 -41.47 -10.53
C ASP E 156 2.68 -40.83 -11.83
N TYR E 157 1.58 -41.23 -12.45
CA TYR E 157 1.24 -40.71 -13.76
C TYR E 157 0.63 -39.33 -13.67
N TYR E 158 0.43 -38.82 -12.47
CA TYR E 158 -0.19 -37.52 -12.31
C TYR E 158 0.84 -36.45 -12.05
N ASN E 159 1.81 -36.75 -11.20
CA ASN E 159 2.88 -35.79 -10.96
C ASN E 159 3.87 -35.81 -12.11
N MET E 160 3.74 -36.75 -13.03
CA MET E 160 4.54 -36.72 -14.25
C MET E 160 4.08 -35.60 -15.16
N PHE E 161 2.78 -35.53 -15.43
CA PHE E 161 2.24 -34.48 -16.30
C PHE E 161 2.21 -33.12 -15.61
N THR E 162 2.00 -33.07 -14.30
CA THR E 162 1.93 -31.80 -13.60
C THR E 162 3.28 -31.08 -13.54
N SER E 163 4.39 -31.81 -13.43
CA SER E 163 5.71 -31.21 -13.48
C SER E 163 6.13 -30.82 -14.88
N ILE E 164 5.86 -31.66 -15.88
CA ILE E 164 6.17 -31.30 -17.26
C ILE E 164 5.37 -30.08 -17.69
N PHE E 165 4.09 -30.05 -17.33
CA PHE E 165 3.25 -28.90 -17.67
C PHE E 165 3.75 -27.65 -16.98
N THR E 166 4.21 -27.77 -15.73
CA THR E 166 4.75 -26.61 -15.03
C THR E 166 6.03 -26.13 -15.69
N LEU E 167 6.87 -27.05 -16.15
CA LEU E 167 8.07 -26.66 -16.88
C LEU E 167 7.71 -25.89 -18.15
N CYS E 168 6.73 -26.41 -18.90
CA CYS E 168 6.29 -25.74 -20.11
C CYS E 168 5.71 -24.36 -19.79
N THR E 169 4.98 -24.26 -18.68
CA THR E 169 4.40 -23.00 -18.26
C THR E 169 5.49 -21.99 -17.92
N MET E 170 6.55 -22.42 -17.24
CA MET E 170 7.67 -21.55 -16.95
C MET E 170 8.34 -21.07 -18.24
N SER E 171 8.52 -21.99 -19.19
CA SER E 171 9.09 -21.61 -20.48
C SER E 171 8.25 -20.55 -21.18
N VAL E 172 6.94 -20.78 -21.27
CA VAL E 172 6.06 -19.83 -21.95
C VAL E 172 6.02 -18.51 -21.21
N ASP E 173 6.07 -18.57 -19.88
CA ASP E 173 6.06 -17.36 -19.07
C ASP E 173 7.28 -16.50 -19.35
N ARG E 174 8.45 -17.13 -19.40
CA ARG E 174 9.68 -16.39 -19.71
C ARG E 174 9.65 -15.86 -21.14
N TYR E 175 9.13 -16.66 -22.08
CA TYR E 175 9.04 -16.24 -23.46
C TYR E 175 8.17 -15.00 -23.60
N ILE E 176 7.03 -14.99 -22.91
CA ILE E 176 6.15 -13.82 -22.94
C ILE E 176 6.86 -12.64 -22.26
N ALA E 177 7.55 -12.91 -21.15
CA ALA E 177 8.24 -11.85 -20.44
C ALA E 177 9.27 -11.14 -21.31
N VAL E 178 9.95 -11.88 -22.19
CA VAL E 178 11.02 -11.30 -22.98
C VAL E 178 10.50 -10.76 -24.31
N CYS E 179 9.72 -11.56 -25.03
CA CYS E 179 9.31 -11.21 -26.38
C CYS E 179 8.00 -10.43 -26.45
N HIS E 180 7.26 -10.31 -25.35
CA HIS E 180 6.03 -9.51 -25.34
C HIS E 180 5.96 -8.71 -24.04
N PRO E 181 6.88 -7.77 -23.81
CA PRO E 181 6.91 -7.07 -22.51
C PRO E 181 5.65 -6.28 -22.21
N VAL E 182 5.13 -5.57 -23.22
CA VAL E 182 3.95 -4.73 -23.00
C VAL E 182 2.76 -5.60 -22.63
N LYS E 183 2.54 -6.68 -23.40
CA LYS E 183 1.48 -7.61 -23.05
C LYS E 183 1.80 -8.36 -21.76
N ALA E 184 3.08 -8.62 -21.50
CA ALA E 184 3.47 -9.25 -20.25
C ALA E 184 3.05 -8.40 -19.05
N LEU E 185 3.04 -7.07 -19.20
CA LEU E 185 2.53 -6.22 -18.13
C LEU E 185 1.07 -6.54 -17.81
N ASP E 186 0.31 -7.03 -18.78
CA ASP E 186 -1.10 -7.35 -18.59
C ASP E 186 -1.32 -8.80 -18.17
N PHE E 187 -0.46 -9.71 -18.61
CA PHE E 187 -0.64 -11.13 -18.37
C PHE E 187 0.14 -11.64 -17.17
N ARG E 188 1.38 -11.20 -16.97
CA ARG E 188 2.20 -11.66 -15.85
C ARG E 188 1.69 -11.01 -14.57
N THR E 189 0.74 -11.69 -13.93
CA THR E 189 0.29 -11.31 -12.60
C THR E 189 0.27 -12.53 -11.69
N PRO E 190 0.50 -12.35 -10.39
CA PRO E 190 0.43 -13.49 -9.46
C PRO E 190 -0.93 -14.17 -9.45
N ARG E 191 -1.99 -13.43 -9.72
CA ARG E 191 -3.35 -13.95 -9.75
C ARG E 191 -3.62 -14.79 -10.99
N ASN E 192 -3.03 -14.43 -12.14
CA ASN E 192 -3.16 -15.26 -13.33
C ASN E 192 -2.28 -16.51 -13.24
N ALA E 193 -1.16 -16.40 -12.53
CA ALA E 193 -0.27 -17.55 -12.36
C ALA E 193 -0.99 -18.67 -11.61
N LYS E 194 -1.76 -18.31 -10.59
CA LYS E 194 -2.53 -19.32 -9.84
C LYS E 194 -3.56 -19.99 -10.74
N ILE E 195 -4.20 -19.22 -11.61
CA ILE E 195 -5.14 -19.80 -12.56
C ILE E 195 -4.43 -20.79 -13.48
N ILE E 196 -3.23 -20.42 -13.95
CA ILE E 196 -2.49 -21.30 -14.85
C ILE E 196 -2.11 -22.58 -14.11
N ASN E 197 -1.70 -22.46 -12.84
CA ASN E 197 -1.38 -23.64 -12.04
C ASN E 197 -2.58 -24.55 -11.90
N VAL E 198 -3.75 -23.98 -11.60
CA VAL E 198 -4.96 -24.78 -11.44
C VAL E 198 -5.29 -25.47 -12.76
N CYS E 199 -5.09 -24.77 -13.87
CA CYS E 199 -5.33 -25.36 -15.18
C CYS E 199 -4.39 -26.54 -15.42
N ASN E 200 -3.12 -26.41 -15.03
CA ASN E 200 -2.18 -27.51 -15.17
C ASN E 200 -2.61 -28.70 -14.33
N TRP E 201 -2.97 -28.46 -13.06
CA TRP E 201 -3.40 -29.52 -12.17
C TRP E 201 -4.69 -30.18 -12.61
N ILE E 202 -5.56 -29.47 -13.32
CA ILE E 202 -6.80 -30.03 -13.84
C ILE E 202 -6.55 -30.79 -15.13
N LEU E 203 -5.61 -30.33 -15.96
CA LEU E 203 -5.27 -31.07 -17.18
C LEU E 203 -4.59 -32.38 -16.83
N SER E 204 -3.79 -32.40 -15.76
CA SER E 204 -3.19 -33.65 -15.31
C SER E 204 -4.24 -34.66 -14.87
N SER E 205 -5.43 -34.20 -14.48
CA SER E 205 -6.46 -35.12 -14.02
C SER E 205 -6.99 -35.98 -15.17
N ALA E 206 -6.98 -35.45 -16.39
CA ALA E 206 -7.46 -36.20 -17.55
C ALA E 206 -6.69 -37.50 -17.75
N ILE E 207 -5.46 -37.59 -17.25
CA ILE E 207 -4.69 -38.82 -17.27
C ILE E 207 -4.67 -39.49 -15.91
N GLY E 208 -4.78 -38.70 -14.83
CA GLY E 208 -4.81 -39.26 -13.51
C GLY E 208 -6.01 -40.14 -13.21
N LEU E 209 -7.22 -39.68 -13.54
CA LEU E 209 -8.42 -40.40 -13.14
C LEU E 209 -8.54 -41.75 -13.83
N PRO E 210 -8.42 -41.82 -15.17
CA PRO E 210 -8.52 -43.14 -15.82
C PRO E 210 -7.48 -44.12 -15.30
N VAL E 211 -6.31 -43.60 -14.92
CA VAL E 211 -5.28 -44.47 -14.35
C VAL E 211 -5.73 -45.00 -12.99
N MET E 212 -6.39 -44.17 -12.19
CA MET E 212 -6.93 -44.64 -10.92
C MET E 212 -8.05 -45.64 -11.08
N PHE E 213 -8.83 -45.56 -12.18
CA PHE E 213 -9.94 -46.46 -12.40
C PHE E 213 -9.54 -47.71 -13.18
N MET E 214 -8.25 -47.88 -13.50
CA MET E 214 -7.79 -49.04 -14.25
C MET E 214 -6.72 -49.85 -13.53
N ALA E 215 -6.15 -49.34 -12.44
CA ALA E 215 -5.15 -50.09 -11.70
C ALA E 215 -5.78 -51.31 -11.05
N THR E 216 -5.05 -52.43 -11.07
CA THR E 216 -5.51 -53.70 -10.52
C THR E 216 -4.40 -54.31 -9.69
N THR E 217 -4.63 -55.54 -9.19
CA THR E 217 -3.66 -56.28 -8.40
C THR E 217 -3.62 -57.75 -8.85
N LYS E 218 -3.52 -57.95 -10.17
CA LYS E 218 -3.57 -59.30 -10.74
C LYS E 218 -2.46 -60.17 -10.14
N TYR E 219 -2.57 -61.49 -10.33
CA TYR E 219 -1.63 -62.45 -9.75
C TYR E 219 -0.77 -63.04 -10.85
N ARG E 220 0.55 -63.07 -10.62
CA ARG E 220 1.50 -63.63 -11.57
C ARG E 220 2.50 -64.51 -10.81
N GLN E 221 2.56 -65.79 -11.18
CA GLN E 221 3.58 -66.71 -10.67
C GLN E 221 3.59 -66.71 -9.14
N GLY E 222 2.40 -66.77 -8.55
CA GLY E 222 2.29 -66.75 -7.10
C GLY E 222 2.82 -65.46 -6.52
N SER E 223 2.61 -64.36 -7.24
CA SER E 223 3.06 -63.04 -6.78
C SER E 223 2.24 -61.99 -7.52
N ILE E 224 1.62 -61.09 -6.77
CA ILE E 224 0.74 -60.11 -7.41
C ILE E 224 1.55 -59.03 -8.11
N ASP E 225 1.02 -58.54 -9.22
CA ASP E 225 1.56 -57.40 -9.94
C ASP E 225 0.42 -56.43 -10.17
N CYS E 226 0.59 -55.18 -9.72
CA CYS E 226 -0.52 -54.25 -9.70
C CYS E 226 -0.48 -53.31 -10.90
N THR E 227 -0.08 -53.83 -12.06
CA THR E 227 -0.12 -53.09 -13.31
C THR E 227 -1.55 -52.66 -13.64
N LEU E 228 -1.70 -51.79 -14.64
CA LEU E 228 -3.02 -51.35 -15.08
C LEU E 228 -3.72 -52.44 -15.88
N THR E 229 -5.02 -52.26 -16.14
CA THR E 229 -5.78 -53.20 -16.95
C THR E 229 -6.70 -52.44 -17.90
N PHE E 230 -6.83 -52.93 -19.12
CA PHE E 230 -7.59 -52.25 -20.17
C PHE E 230 -8.67 -53.17 -20.73
N SER E 231 -9.76 -52.60 -21.23
CA SER E 231 -10.88 -53.40 -21.72
C SER E 231 -10.58 -54.15 -23.00
N HIS E 232 -11.37 -55.21 -23.31
CA HIS E 232 -11.29 -55.99 -24.57
C HIS E 232 -10.03 -56.09 -25.43
N PRO E 233 -9.79 -55.16 -26.39
CA PRO E 233 -8.58 -55.39 -27.18
C PRO E 233 -7.42 -55.39 -26.23
N THR E 234 -7.36 -54.44 -25.30
CA THR E 234 -6.28 -54.32 -24.31
C THR E 234 -5.05 -53.76 -24.97
N TRP E 235 -4.52 -54.38 -26.01
CA TRP E 235 -3.41 -53.79 -26.74
C TRP E 235 -3.83 -52.42 -27.26
N TYR E 236 -5.05 -52.24 -27.77
CA TYR E 236 -5.44 -50.97 -28.37
C TYR E 236 -5.37 -49.84 -27.35
N TRP E 237 -6.06 -50.00 -26.23
CA TRP E 237 -6.07 -48.98 -25.19
C TRP E 237 -4.69 -48.78 -24.58
N GLU E 238 -3.97 -49.88 -24.35
CA GLU E 238 -2.62 -49.78 -23.79
C GLU E 238 -1.73 -48.91 -24.68
N ASN E 239 -1.71 -49.21 -25.98
CA ASN E 239 -0.85 -48.47 -26.90
C ASN E 239 -1.34 -47.05 -27.09
N LEU E 240 -2.65 -46.83 -27.03
CA LEU E 240 -3.17 -45.47 -27.13
C LEU E 240 -2.70 -44.66 -25.93
N LEU E 241 -2.72 -45.26 -24.73
CA LEU E 241 -2.22 -44.58 -23.54
C LEU E 241 -0.72 -44.29 -23.68
N LYS E 242 0.03 -45.26 -24.20
CA LYS E 242 1.45 -45.05 -24.43
C LYS E 242 1.69 -43.85 -25.35
N ILE E 243 0.96 -43.80 -26.47
CA ILE E 243 1.11 -42.74 -27.44
C ILE E 243 0.74 -41.40 -26.82
N CYS E 244 -0.35 -41.39 -26.04
CA CYS E 244 -0.78 -40.16 -25.41
C CYS E 244 0.27 -39.64 -24.43
N VAL E 245 0.91 -40.54 -23.69
CA VAL E 245 1.91 -40.16 -22.71
C VAL E 245 3.19 -39.75 -23.42
N PHE E 246 3.41 -40.26 -24.63
CA PHE E 246 4.64 -39.97 -25.35
C PHE E 246 4.53 -38.67 -26.13
N ILE E 247 3.30 -38.28 -26.51
CA ILE E 247 3.13 -37.07 -27.29
C ILE E 247 2.91 -35.84 -26.40
N PHE E 248 2.14 -35.98 -25.33
CA PHE E 248 1.84 -34.85 -24.45
C PHE E 248 2.78 -34.74 -23.25
N ALA E 249 3.73 -35.66 -23.10
CA ALA E 249 4.73 -35.56 -22.05
C ALA E 249 6.16 -35.48 -22.57
N PHE E 250 6.40 -35.88 -23.80
CA PHE E 250 7.75 -35.78 -24.37
C PHE E 250 7.81 -34.82 -25.56
N ILE E 251 7.00 -35.07 -26.59
CA ILE E 251 7.13 -34.35 -27.85
C ILE E 251 6.67 -32.91 -27.68
N MET E 252 5.42 -32.74 -27.25
CA MET E 252 4.85 -31.41 -27.14
C MET E 252 5.64 -30.56 -26.14
N PRO E 253 5.93 -31.06 -24.94
CA PRO E 253 6.76 -30.26 -24.02
C PRO E 253 8.11 -29.90 -24.61
N VAL E 254 8.75 -30.81 -25.34
CA VAL E 254 10.03 -30.50 -25.97
C VAL E 254 9.85 -29.35 -26.95
N LEU E 255 8.77 -29.40 -27.73
CA LEU E 255 8.51 -28.36 -28.71
C LEU E 255 8.35 -27.00 -28.04
N ILE E 256 7.49 -26.91 -27.03
CA ILE E 256 7.32 -25.62 -26.35
C ILE E 256 8.63 -25.15 -25.74
N ILE E 257 9.32 -26.03 -25.00
CA ILE E 257 10.54 -25.62 -24.32
C ILE E 257 11.52 -25.06 -25.34
N THR E 258 11.79 -25.83 -26.39
CA THR E 258 12.79 -25.46 -27.38
C THR E 258 12.40 -24.17 -28.09
N VAL E 259 11.17 -24.08 -28.60
CA VAL E 259 10.79 -22.92 -29.40
C VAL E 259 10.78 -21.66 -28.53
N CYS E 260 10.15 -21.74 -27.36
CA CYS E 260 10.07 -20.58 -26.48
C CYS E 260 11.46 -20.10 -26.11
N TYR E 261 12.35 -21.02 -25.71
CA TYR E 261 13.67 -20.58 -25.26
C TYR E 261 14.51 -20.07 -26.42
N GLY E 262 14.37 -20.67 -27.60
CA GLY E 262 15.08 -20.20 -28.77
C GLY E 262 14.68 -18.79 -29.14
N LEU E 263 13.38 -18.53 -29.17
CA LEU E 263 12.89 -17.19 -29.48
C LEU E 263 13.33 -16.20 -28.40
N MET E 264 13.30 -16.61 -27.14
CA MET E 264 13.76 -15.74 -26.07
C MET E 264 15.21 -15.35 -26.26
N ILE E 265 16.06 -16.33 -26.58
CA ILE E 265 17.48 -16.04 -26.75
C ILE E 265 17.71 -15.15 -27.98
N LEU E 266 16.99 -15.43 -29.06
CA LEU E 266 17.10 -14.60 -30.26
C LEU E 266 16.76 -13.15 -29.94
N ARG E 267 15.69 -12.93 -29.18
CA ARG E 267 15.34 -11.57 -28.80
C ARG E 267 16.41 -10.96 -27.89
N LEU E 268 16.91 -11.75 -26.93
CA LEU E 268 17.89 -11.23 -25.99
C LEU E 268 19.18 -10.82 -26.69
N LYS E 269 19.43 -11.41 -27.86
CA LYS E 269 20.60 -11.01 -28.64
C LYS E 269 20.62 -9.50 -28.88
N SER E 270 19.48 -8.94 -29.29
CA SER E 270 19.43 -7.54 -29.66
C SER E 270 19.46 -6.61 -28.45
N VAL E 271 18.82 -7.02 -27.35
CA VAL E 271 18.65 -6.19 -26.16
C VAL E 271 19.98 -5.51 -25.79
N ARG E 272 19.92 -4.22 -25.45
CA ARG E 272 21.13 -3.42 -25.37
C ARG E 272 21.98 -3.79 -24.17
N MET E 273 21.39 -3.89 -22.97
CA MET E 273 22.21 -4.11 -21.79
C MET E 273 22.68 -5.55 -21.69
N LEU E 274 22.45 -6.36 -22.72
CA LEU E 274 23.04 -7.69 -22.80
C LEU E 274 24.16 -7.79 -23.82
N SER E 275 24.23 -6.84 -24.76
CA SER E 275 25.28 -6.76 -25.76
C SER E 275 26.26 -5.65 -25.36
N GLY E 276 27.22 -5.35 -26.24
CA GLY E 276 28.15 -4.26 -26.00
C GLY E 276 29.39 -4.67 -25.25
N SER E 277 29.56 -4.15 -24.03
CA SER E 277 30.76 -4.38 -23.26
C SER E 277 30.90 -5.86 -22.89
N LYS E 278 32.05 -6.19 -22.32
CA LYS E 278 32.43 -7.57 -22.04
C LYS E 278 31.47 -8.23 -21.06
N GLU E 279 31.11 -7.52 -19.99
CA GLU E 279 30.31 -8.12 -18.92
C GLU E 279 28.85 -8.33 -19.34
N LYS E 280 28.32 -7.43 -20.17
CA LYS E 280 26.98 -7.62 -20.69
C LYS E 280 26.91 -8.88 -21.55
N ASP E 281 27.91 -9.08 -22.40
CA ASP E 281 27.97 -10.31 -23.17
C ASP E 281 28.17 -11.51 -22.27
N ARG E 282 28.90 -11.34 -21.17
CA ARG E 282 29.08 -12.43 -20.22
C ARG E 282 27.73 -12.85 -19.61
N ASN E 283 26.91 -11.86 -19.24
CA ASN E 283 25.60 -12.16 -18.69
C ASN E 283 24.71 -12.83 -19.74
N LEU E 284 24.79 -12.36 -20.99
CA LEU E 284 24.04 -12.98 -22.07
C LEU E 284 24.44 -14.45 -22.23
N ARG E 285 25.74 -14.72 -22.21
CA ARG E 285 26.23 -16.09 -22.31
C ARG E 285 25.76 -16.93 -21.12
N ARG E 286 25.76 -16.35 -19.93
CA ARG E 286 25.28 -17.07 -18.75
C ARG E 286 23.83 -17.48 -18.90
N ILE E 287 22.99 -16.55 -19.36
CA ILE E 287 21.57 -16.83 -19.56
C ILE E 287 21.43 -17.93 -20.60
N THR E 288 22.19 -17.82 -21.69
CA THR E 288 22.11 -18.82 -22.76
C THR E 288 22.49 -20.20 -22.26
N ARG E 289 23.57 -20.28 -21.46
CA ARG E 289 24.00 -21.55 -20.90
C ARG E 289 22.95 -22.13 -19.98
N MET E 290 22.32 -21.30 -19.15
CA MET E 290 21.29 -21.81 -18.26
C MET E 290 20.14 -22.40 -19.07
N VAL E 291 19.72 -21.69 -20.12
CA VAL E 291 18.61 -22.13 -20.95
C VAL E 291 18.96 -23.46 -21.62
N LEU E 292 20.16 -23.55 -22.19
CA LEU E 292 20.59 -24.76 -22.87
C LEU E 292 20.68 -25.93 -21.90
N VAL E 293 21.16 -25.67 -20.69
CA VAL E 293 21.26 -26.72 -19.67
C VAL E 293 19.87 -27.24 -19.32
N VAL E 294 18.90 -26.34 -19.16
CA VAL E 294 17.54 -26.75 -18.87
C VAL E 294 17.02 -27.67 -19.96
N VAL E 295 17.16 -27.23 -21.22
CA VAL E 295 16.61 -28.00 -22.34
C VAL E 295 17.29 -29.37 -22.42
N ALA E 296 18.63 -29.37 -22.30
CA ALA E 296 19.37 -30.63 -22.31
C ALA E 296 18.88 -31.55 -21.22
N VAL E 297 19.06 -31.15 -19.96
CA VAL E 297 18.64 -31.97 -18.84
C VAL E 297 17.25 -32.55 -19.04
N PHE E 298 16.31 -31.79 -19.60
CA PHE E 298 15.00 -32.37 -19.88
C PHE E 298 15.10 -33.50 -20.90
N ILE E 299 15.73 -33.21 -22.06
CA ILE E 299 15.72 -34.18 -23.15
C ILE E 299 16.49 -35.44 -22.76
N VAL E 300 17.67 -35.25 -22.19
CA VAL E 300 18.54 -36.36 -21.81
C VAL E 300 17.82 -37.27 -20.81
N CYS E 301 17.14 -36.65 -19.85
CA CYS E 301 16.46 -37.41 -18.80
C CYS E 301 15.23 -38.15 -19.31
N TRP E 302 14.46 -37.58 -20.23
CA TRP E 302 13.17 -38.16 -20.60
C TRP E 302 13.22 -39.00 -21.87
N THR E 303 14.15 -38.73 -22.79
CA THR E 303 14.21 -39.46 -24.04
C THR E 303 14.42 -40.96 -23.87
N PRO E 304 15.41 -41.39 -23.05
CA PRO E 304 15.74 -42.82 -23.00
C PRO E 304 14.56 -43.71 -22.61
N ILE E 305 13.83 -43.33 -21.56
CA ILE E 305 12.73 -44.17 -21.09
C ILE E 305 11.65 -44.27 -22.15
N HIS E 306 11.30 -43.15 -22.77
CA HIS E 306 10.25 -43.17 -23.79
C HIS E 306 10.66 -44.02 -24.98
N ILE E 307 11.89 -43.84 -25.44
CA ILE E 307 12.37 -44.60 -26.60
C ILE E 307 12.37 -46.09 -26.28
N TYR E 308 12.84 -46.45 -25.10
CA TYR E 308 12.98 -47.86 -24.76
C TYR E 308 11.61 -48.49 -24.55
N VAL E 309 10.65 -47.71 -24.01
CA VAL E 309 9.27 -48.18 -23.90
C VAL E 309 8.70 -48.44 -25.27
N ILE E 310 8.94 -47.53 -26.22
CA ILE E 310 8.48 -47.76 -27.59
C ILE E 310 9.08 -49.06 -28.12
N ILE E 311 10.39 -49.23 -27.92
CA ILE E 311 11.09 -50.41 -28.43
C ILE E 311 10.44 -51.66 -27.88
N LYS E 312 10.23 -51.69 -26.55
CA LYS E 312 9.59 -52.85 -25.93
C LYS E 312 8.20 -53.09 -26.53
N ALA E 313 7.46 -52.01 -26.80
CA ALA E 313 6.14 -52.14 -27.40
C ALA E 313 6.22 -52.84 -28.75
N LEU E 314 7.14 -52.39 -29.61
CA LEU E 314 7.20 -52.95 -30.96
C LEU E 314 7.69 -54.40 -30.95
N VAL E 315 8.78 -54.67 -30.23
CA VAL E 315 9.43 -55.98 -30.27
C VAL E 315 9.73 -56.44 -28.85
N THR E 316 9.92 -57.74 -28.70
CA THR E 316 10.25 -58.37 -27.43
C THR E 316 11.75 -58.62 -27.36
N ILE E 317 12.30 -58.53 -26.15
CA ILE E 317 13.74 -58.64 -25.93
C ILE E 317 14.03 -59.68 -24.85
N PRO E 318 15.20 -60.31 -24.85
CA PRO E 318 15.51 -61.27 -23.79
C PRO E 318 15.61 -60.59 -22.44
N GLU E 319 15.29 -61.35 -21.39
CA GLU E 319 15.34 -60.84 -20.02
C GLU E 319 16.74 -60.95 -19.44
N THR E 320 17.72 -60.35 -20.12
CA THR E 320 19.09 -60.40 -19.67
C THR E 320 19.29 -59.44 -18.50
N THR E 321 20.33 -59.70 -17.71
CA THR E 321 20.67 -58.79 -16.61
C THR E 321 20.89 -57.38 -17.13
N PHE E 322 21.57 -57.26 -18.27
CA PHE E 322 21.70 -55.97 -18.95
C PHE E 322 20.34 -55.33 -19.16
N GLN E 323 19.36 -56.12 -19.62
CA GLN E 323 18.03 -55.59 -19.90
C GLN E 323 17.37 -55.02 -18.64
N THR E 324 17.43 -55.76 -17.54
CA THR E 324 16.80 -55.33 -16.30
C THR E 324 17.48 -54.07 -15.76
N VAL E 325 18.81 -54.06 -15.80
CA VAL E 325 19.56 -52.90 -15.30
C VAL E 325 19.23 -51.68 -16.16
N SER E 326 19.14 -51.87 -17.48
CA SER E 326 18.82 -50.78 -18.39
C SER E 326 17.42 -50.24 -18.11
N TRP E 327 16.44 -51.13 -17.94
CA TRP E 327 15.12 -50.74 -17.49
C TRP E 327 15.14 -49.84 -16.27
N HIS E 328 15.76 -50.32 -15.19
CA HIS E 328 15.65 -49.59 -13.93
C HIS E 328 16.46 -48.30 -13.97
N PHE E 329 17.60 -48.32 -14.67
CA PHE E 329 18.37 -47.10 -14.85
C PHE E 329 17.59 -46.07 -15.65
N CYS E 330 16.89 -46.51 -16.71
CA CYS E 330 16.10 -45.57 -17.50
C CYS E 330 14.97 -44.98 -16.68
N ILE E 331 14.28 -45.81 -15.88
CA ILE E 331 13.19 -45.30 -15.05
C ILE E 331 13.73 -44.27 -14.06
N ALA E 332 14.83 -44.60 -13.39
CA ALA E 332 15.38 -43.67 -12.40
C ALA E 332 15.92 -42.41 -13.06
N LEU E 333 16.44 -42.53 -14.28
CA LEU E 333 16.89 -41.36 -15.01
C LEU E 333 15.72 -40.45 -15.34
N GLY E 334 14.61 -41.04 -15.76
CA GLY E 334 13.40 -40.26 -15.96
C GLY E 334 12.97 -39.54 -14.70
N TYR E 335 13.08 -40.20 -13.54
CA TYR E 335 12.80 -39.53 -12.27
C TYR E 335 13.85 -38.50 -11.89
N THR E 336 15.05 -38.60 -12.45
CA THR E 336 16.13 -37.70 -12.04
C THR E 336 15.86 -36.25 -12.45
N ASN E 337 14.93 -36.04 -13.38
CA ASN E 337 14.54 -34.66 -13.72
C ASN E 337 13.91 -33.98 -12.50
N SER E 338 13.13 -34.72 -11.72
CA SER E 338 12.55 -34.16 -10.51
C SER E 338 13.63 -33.75 -9.51
N CYS E 339 14.74 -34.48 -9.45
CA CYS E 339 15.84 -34.13 -8.57
C CYS E 339 16.67 -32.96 -9.09
N LEU E 340 16.83 -32.85 -10.41
CA LEU E 340 17.58 -31.73 -10.98
C LEU E 340 16.80 -30.43 -11.01
N ASN E 341 15.48 -30.47 -11.13
CA ASN E 341 14.68 -29.24 -11.19
C ASN E 341 14.93 -28.32 -10.01
N PRO E 342 15.03 -28.79 -8.76
CA PRO E 342 15.27 -27.88 -7.64
C PRO E 342 16.49 -26.99 -7.83
N VAL E 343 17.56 -27.53 -8.38
CA VAL E 343 18.77 -26.73 -8.57
C VAL E 343 18.68 -25.91 -9.84
N LEU E 344 18.04 -26.44 -10.89
CA LEU E 344 17.97 -25.75 -12.17
C LEU E 344 17.01 -24.58 -12.18
N TYR E 345 16.00 -24.57 -11.31
CA TYR E 345 14.97 -23.54 -11.35
C TYR E 345 14.87 -22.71 -10.08
N ALA E 346 15.54 -23.11 -8.99
CA ALA E 346 15.48 -22.33 -7.76
C ALA E 346 16.86 -21.86 -7.34
N PHE E 347 17.84 -22.77 -7.34
CA PHE E 347 19.17 -22.42 -6.85
C PHE E 347 19.93 -21.56 -7.85
N LEU E 348 19.53 -21.59 -9.13
CA LEU E 348 20.16 -20.78 -10.17
C LEU E 348 19.38 -19.51 -10.48
N ASP E 349 18.42 -19.14 -9.62
CA ASP E 349 17.68 -17.90 -9.77
C ASP E 349 18.34 -16.82 -8.93
N GLU E 350 18.48 -15.63 -9.51
CA GLU E 350 19.19 -14.56 -8.83
C GLU E 350 18.49 -14.16 -7.54
N ASN E 351 17.18 -14.27 -7.51
CA ASN E 351 16.44 -13.91 -6.31
C ASN E 351 16.75 -14.91 -5.22
N PHE E 352 16.72 -16.20 -5.56
CA PHE E 352 16.99 -17.23 -4.57
C PHE E 352 18.39 -17.09 -4.01
N LYS E 353 19.34 -16.74 -4.85
CA LYS E 353 20.69 -16.52 -4.38
C LYS E 353 20.77 -15.26 -3.52
N ARG E 354 20.04 -14.22 -3.90
CA ARG E 354 20.02 -13.00 -3.11
C ARG E 354 19.36 -13.25 -1.76
N CYS E 355 18.64 -14.35 -1.62
CA CYS E 355 18.07 -14.71 -0.34
C CYS E 355 19.12 -15.45 0.43
N PHE E 356 19.82 -16.34 -0.25
CA PHE E 356 20.86 -17.15 0.37
C PHE E 356 22.08 -16.33 0.79
N ARG E 357 22.28 -15.14 0.22
CA ARG E 357 23.49 -14.36 0.43
C ARG E 357 23.42 -13.49 1.67
N GLU E 358 22.30 -13.50 2.40
CA GLU E 358 22.11 -12.58 3.51
C GLU E 358 22.05 -13.28 4.87
N PHE E 359 22.21 -14.60 4.94
CA PHE E 359 22.22 -15.30 6.21
C PHE E 359 23.42 -16.24 6.28
N TYR F 1 7.10 -43.11 -14.66
CA TYR F 1 7.13 -44.02 -15.82
C TYR F 1 8.37 -44.96 -15.67
N GLY F 3 7.50 -48.05 -13.98
CA GLY F 3 7.47 -48.96 -12.86
C GLY F 3 6.23 -49.74 -12.39
#